data_5G11
#
_entry.id   5G11
#
_cell.length_a   81.790
_cell.length_b   81.790
_cell.length_c   204.860
_cell.angle_alpha   90.00
_cell.angle_beta   90.00
_cell.angle_gamma   90.00
#
_symmetry.space_group_name_H-M   'P 41 21 2'
#
loop_
_entity.id
_entity.type
_entity.pdbx_description
1 polymer HDAH
2 non-polymer "2,2,3,3,4,4,5,5,6,6,7,7-dodecakis(fluoranyl)-~{N}-oxidanyl-~{N}'-phenyl-octanediamide"
3 non-polymer 'ZINC ION'
4 non-polymer 'POTASSIUM ION'
5 water water
#
_entity_poly.entity_id   1
_entity_poly.type   'polypeptide(L)'
_entity_poly.pdbx_seq_one_letter_code
;TRRTAFFFDELCLWHAAGPHALTLPVGGWVQPPAAAGHAESPETKRRLKSLLDVSGLTARLQLRSAPPASDEDLLRVHPA
HYLERFKALSDAGGGSLGQDAPIGPGSYEIARLSAGLAIAALDAVLAGEADNAYSLSRPPGHHCLPDQAMGFCFFANIAV
AIEAAKARHGVERVAVLDWDVHHGNGTQAIYYRRDDVLSISLHQDGCFPPGYSGAEDIGEDRGRGFNLNVPLLPGGGHDA
YMQAMQRIVLPALERFRPQLIVVASGFDANAVDPLARMQLHSDSFRAMTAMVRDAAERHAGGRLVVVHEGGFSEAYVPFC
GLAVIEELSGVRSAVRDPLRDFIELQQPNAAFRDFQRQRLEELAAQFGLCPAQPLQAAR
;
_entity_poly.pdbx_strand_id   A,B
#
loop_
_chem_comp.id
_chem_comp.type
_chem_comp.name
_chem_comp.formula
7H1 non-polymer 2,2,3,3,4,4,5,5,6,6,7,7-dodecakis(fluoranyl)-~{N}-oxidanyl-~{N}'-phenyl-octanediamide 'C14 H8 F12 N2 O3'
K non-polymer 'POTASSIUM ION' 'K 1'
ZN non-polymer 'ZINC ION' 'Zn 2'
#
# COMPACT_ATOMS: atom_id res chain seq x y z
N ARG A 2 -27.45 -21.63 7.64
CA ARG A 2 -26.66 -21.08 8.80
C ARG A 2 -27.11 -19.69 9.28
N ARG A 3 -27.21 -19.57 10.61
CA ARG A 3 -27.68 -18.37 11.30
C ARG A 3 -26.46 -17.56 11.82
N THR A 4 -26.18 -16.43 11.17
CA THR A 4 -25.06 -15.56 11.51
C THR A 4 -25.55 -14.27 12.14
N ALA A 5 -25.07 -13.97 13.35
CA ALA A 5 -25.36 -12.71 14.02
C ALA A 5 -24.33 -11.64 13.56
N PHE A 6 -24.84 -10.48 13.16
CA PHE A 6 -24.05 -9.33 12.80
C PHE A 6 -24.20 -8.27 13.93
N PHE A 7 -23.16 -8.17 14.75
CA PHE A 7 -23.13 -7.19 15.82
C PHE A 7 -22.54 -5.89 15.29
N PHE A 8 -23.38 -4.85 15.32
CA PHE A 8 -23.07 -3.56 14.72
C PHE A 8 -23.78 -2.46 15.50
N ASP A 9 -23.12 -1.32 15.69
CA ASP A 9 -23.77 -0.10 16.20
C ASP A 9 -23.23 1.12 15.47
N GLU A 10 -24.14 1.92 14.93
CA GLU A 10 -23.80 3.13 14.17
C GLU A 10 -22.82 4.04 14.92
N LEU A 11 -23.02 4.11 16.24
CA LEU A 11 -22.23 4.95 17.11
C LEU A 11 -20.74 4.62 17.10
N CYS A 12 -20.37 3.37 16.82
CA CYS A 12 -18.94 3.02 16.67
C CYS A 12 -18.25 3.77 15.53
N LEU A 13 -19.05 4.15 14.52
CA LEU A 13 -18.54 4.93 13.39
C LEU A 13 -18.40 6.42 13.69
N TRP A 14 -18.78 6.87 14.89
CA TRP A 14 -18.66 8.27 15.29
C TRP A 14 -17.39 8.59 16.08
N HIS A 15 -16.58 7.58 16.38
CA HIS A 15 -15.30 7.77 17.07
C HIS A 15 -14.39 8.42 16.04
N ALA A 16 -13.71 9.50 16.41
CA ALA A 16 -12.80 10.17 15.47
C ALA A 16 -11.69 10.93 16.17
N ALA A 17 -10.45 10.55 15.88
CA ALA A 17 -9.28 11.21 16.45
C ALA A 17 -9.04 12.62 15.85
N GLY A 18 -8.00 13.30 16.33
CA GLY A 18 -7.57 14.57 15.74
C GLY A 18 -6.97 14.38 14.35
N PRO A 19 -6.62 15.49 13.67
CA PRO A 19 -6.11 15.38 12.29
C PRO A 19 -4.79 14.58 12.16
N HIS A 20 -4.80 13.63 11.22
CA HIS A 20 -3.67 12.80 10.85
C HIS A 20 -3.57 12.74 9.33
N ALA A 21 -2.34 12.54 8.84
CA ALA A 21 -2.08 12.23 7.46
C ALA A 21 -1.71 10.75 7.45
N LEU A 22 -2.64 9.93 6.99
CA LEU A 22 -2.56 8.48 7.14
C LEU A 22 -2.47 8.18 8.63
N THR A 23 -1.29 7.77 9.12
CA THR A 23 -1.04 7.47 10.54
C THR A 23 -0.21 8.56 11.26
N LEU A 24 0.26 9.56 10.51
CA LEU A 24 1.13 10.60 11.07
C LEU A 24 0.30 11.71 11.71
N PRO A 25 0.50 11.95 13.02
CA PRO A 25 -0.22 13.08 13.62
C PRO A 25 0.18 14.38 12.94
N VAL A 26 -0.80 15.20 12.60
CA VAL A 26 -0.53 16.49 11.95
C VAL A 26 0.23 17.40 12.90
N GLY A 27 1.17 18.16 12.33
CA GLY A 27 2.16 18.91 13.10
C GLY A 27 3.56 18.73 12.52
N GLY A 28 4.43 19.68 12.85
CA GLY A 28 5.78 19.71 12.31
C GLY A 28 5.71 19.78 10.79
N TRP A 29 6.36 18.85 10.12
CA TRP A 29 6.43 18.85 8.67
C TRP A 29 5.25 18.14 8.02
N VAL A 30 4.33 17.59 8.81
CA VAL A 30 3.17 16.86 8.29
C VAL A 30 1.98 17.81 8.15
N GLN A 31 1.70 18.22 6.92
CA GLN A 31 0.61 19.14 6.61
C GLN A 31 -0.79 18.51 6.85
N PRO A 32 -1.75 19.29 7.37
CA PRO A 32 -3.12 18.77 7.51
C PRO A 32 -3.70 18.37 6.16
N PRO A 33 -4.29 17.15 6.07
CA PRO A 33 -4.87 16.77 4.79
C PRO A 33 -6.12 17.59 4.50
N ALA A 34 -6.36 17.87 3.22
CA ALA A 34 -7.50 18.68 2.82
C ALA A 34 -8.85 17.97 3.07
N ALA A 35 -8.82 16.64 3.12
CA ALA A 35 -10.00 15.84 3.30
C ALA A 35 -9.78 14.78 4.37
N ALA A 36 -8.89 13.81 4.07
CA ALA A 36 -8.78 12.53 4.78
C ALA A 36 -9.08 12.57 6.30
N GLY A 37 -8.04 12.80 7.12
CA GLY A 37 -8.14 12.66 8.57
C GLY A 37 -7.47 11.28 8.80
N HIS A 38 -7.92 10.49 9.78
CA HIS A 38 -7.07 9.39 10.28
C HIS A 38 -7.09 8.15 9.38
N ALA A 39 -6.09 7.30 9.59
CA ALA A 39 -6.07 5.91 9.17
C ALA A 39 -7.23 5.03 9.59
N GLU A 40 -7.39 4.93 10.90
CA GLU A 40 -8.54 4.27 11.50
C GLU A 40 -9.79 5.19 11.37
N SER A 41 -10.22 5.42 10.13
CA SER A 41 -11.38 6.29 9.89
C SER A 41 -12.65 5.45 9.93
N PRO A 42 -13.81 6.10 10.14
CA PRO A 42 -15.07 5.38 10.05
C PRO A 42 -15.36 4.77 8.67
N GLU A 43 -14.88 5.41 7.60
CA GLU A 43 -15.29 5.14 6.24
C GLU A 43 -15.09 3.70 5.81
N THR A 44 -13.96 3.14 6.16
CA THR A 44 -13.69 1.78 5.81
C THR A 44 -14.78 0.82 6.40
N LYS A 45 -15.12 1.00 7.67
CA LYS A 45 -16.19 0.18 8.28
C LYS A 45 -17.58 0.56 7.79
N ARG A 46 -17.82 1.86 7.55
CA ARG A 46 -19.11 2.32 7.04
C ARG A 46 -19.41 1.74 5.66
N ARG A 47 -18.40 1.74 4.79
CA ARG A 47 -18.55 1.21 3.44
C ARG A 47 -18.74 -0.31 3.43
N LEU A 48 -18.18 -1.02 4.38
CA LEU A 48 -18.50 -2.43 4.57
C LEU A 48 -20.00 -2.59 4.90
N LYS A 49 -20.50 -1.79 5.84
CA LYS A 49 -21.91 -1.79 6.18
C LYS A 49 -22.81 -1.40 5.02
N SER A 50 -22.42 -0.41 4.25
CA SER A 50 -23.20 0.02 3.08
C SER A 50 -23.27 -1.06 2.01
N LEU A 51 -22.17 -1.75 1.76
CA LEU A 51 -22.15 -2.82 0.78
C LEU A 51 -22.97 -4.03 1.26
N LEU A 52 -22.92 -4.35 2.56
CA LEU A 52 -23.79 -5.37 3.10
C LEU A 52 -25.27 -5.06 2.88
N ASP A 53 -25.65 -3.80 3.09
CA ASP A 53 -27.03 -3.35 2.90
C ASP A 53 -27.49 -3.42 1.42
N VAL A 54 -26.72 -2.81 0.53
CA VAL A 54 -27.02 -2.79 -0.91
C VAL A 54 -27.03 -4.19 -1.55
N SER A 55 -26.16 -5.06 -1.09
CA SER A 55 -26.15 -6.46 -1.52
C SER A 55 -27.38 -7.30 -1.08
N GLY A 56 -28.17 -6.82 -0.13
CA GLY A 56 -29.26 -7.61 0.45
C GLY A 56 -28.82 -8.63 1.49
N LEU A 57 -27.54 -8.66 1.82
CA LEU A 57 -27.02 -9.66 2.75
C LEU A 57 -27.39 -9.37 4.21
N THR A 58 -27.39 -8.09 4.60
CA THR A 58 -27.89 -7.64 5.90
C THR A 58 -29.28 -8.22 6.22
N ALA A 59 -30.16 -8.26 5.23
CA ALA A 59 -31.49 -8.87 5.39
C ALA A 59 -31.48 -10.38 5.73
N ARG A 60 -30.39 -11.06 5.43
CA ARG A 60 -30.21 -12.47 5.79
C ARG A 60 -29.46 -12.72 7.11
N LEU A 61 -28.93 -11.68 7.74
CA LEU A 61 -28.22 -11.85 9.01
C LEU A 61 -29.16 -11.56 10.17
N GLN A 62 -28.74 -11.96 11.37
CA GLN A 62 -29.45 -11.66 12.64
C GLN A 62 -28.75 -10.39 13.17
N LEU A 63 -29.35 -9.24 12.90
CA LEU A 63 -28.75 -7.95 13.26
C LEU A 63 -28.94 -7.64 14.74
N ARG A 64 -27.83 -7.32 15.40
CA ARG A 64 -27.84 -7.10 16.84
C ARG A 64 -26.96 -5.90 17.20
N SER A 65 -27.33 -5.23 18.28
CA SER A 65 -26.40 -4.38 19.01
C SER A 65 -26.13 -4.99 20.39
N ALA A 66 -25.53 -4.21 21.26
CA ALA A 66 -25.24 -4.67 22.61
C ALA A 66 -25.01 -3.53 23.58
N PRO A 67 -25.23 -3.77 24.87
CA PRO A 67 -24.79 -2.79 25.83
C PRO A 67 -23.24 -2.59 25.79
N PRO A 68 -22.78 -1.39 26.18
CA PRO A 68 -21.35 -1.19 26.25
C PRO A 68 -20.78 -2.03 27.37
N ALA A 69 -19.48 -2.30 27.32
CA ALA A 69 -18.83 -3.14 28.32
C ALA A 69 -18.91 -2.47 29.68
N SER A 70 -19.30 -3.22 30.71
CA SER A 70 -19.29 -2.72 32.08
C SER A 70 -17.85 -2.58 32.60
N ASP A 71 -17.70 -1.81 33.67
CA ASP A 71 -16.45 -1.72 34.42
C ASP A 71 -15.98 -3.12 34.86
N GLU A 72 -16.90 -3.94 35.34
CA GLU A 72 -16.57 -5.31 35.71
C GLU A 72 -15.82 -6.03 34.58
N ASP A 73 -16.38 -6.00 33.38
CA ASP A 73 -15.82 -6.68 32.24
C ASP A 73 -14.46 -6.11 31.85
N LEU A 74 -14.37 -4.79 31.73
CA LEU A 74 -13.13 -4.14 31.38
C LEU A 74 -12.01 -4.39 32.40
N LEU A 75 -12.33 -4.41 33.68
CA LEU A 75 -11.36 -4.56 34.77
C LEU A 75 -10.73 -5.96 34.85
N ARG A 76 -11.35 -6.96 34.24
CA ARG A 76 -10.71 -8.27 34.07
C ARG A 76 -9.40 -8.16 33.30
N VAL A 77 -9.28 -7.15 32.44
CA VAL A 77 -8.06 -6.91 31.67
C VAL A 77 -7.33 -5.64 32.08
N HIS A 78 -8.03 -4.50 32.13
CA HIS A 78 -7.41 -3.19 32.35
C HIS A 78 -7.60 -2.65 33.76
N PRO A 79 -6.60 -1.93 34.30
CA PRO A 79 -6.70 -1.36 35.65
C PRO A 79 -7.57 -0.10 35.68
N ALA A 80 -8.15 0.18 36.84
CA ALA A 80 -9.03 1.33 37.03
C ALA A 80 -8.34 2.63 36.60
N HIS A 81 -7.06 2.82 36.98
CA HIS A 81 -6.32 4.05 36.63
C HIS A 81 -6.18 4.27 35.13
N TYR A 82 -6.18 3.18 34.37
CA TYR A 82 -6.16 3.26 32.92
C TYR A 82 -7.53 3.75 32.39
N LEU A 83 -8.61 3.18 32.92
CA LEU A 83 -9.95 3.64 32.60
C LEU A 83 -10.11 5.12 32.90
N GLU A 84 -9.65 5.54 34.08
CA GLU A 84 -9.73 6.93 34.51
C GLU A 84 -8.92 7.86 33.59
N ARG A 85 -7.69 7.46 33.29
CA ARG A 85 -6.83 8.25 32.41
C ARG A 85 -7.48 8.40 31.03
N PHE A 86 -7.96 7.29 30.46
CA PHE A 86 -8.66 7.27 29.17
C PHE A 86 -9.83 8.24 29.20
N LYS A 87 -10.70 8.06 30.20
CA LYS A 87 -11.88 8.89 30.37
C LYS A 87 -11.59 10.39 30.49
N ALA A 88 -10.61 10.76 31.31
CA ALA A 88 -10.29 12.17 31.53
C ALA A 88 -9.84 12.81 30.24
N LEU A 89 -8.97 12.13 29.51
CA LEU A 89 -8.49 12.64 28.23
C LEU A 89 -9.61 12.76 27.18
N SER A 90 -10.56 11.82 27.24
CA SER A 90 -11.76 11.82 26.40
C SER A 90 -12.72 12.98 26.75
N ASP A 91 -12.90 13.25 28.04
CA ASP A 91 -13.72 14.37 28.49
C ASP A 91 -13.13 15.74 28.15
N ALA A 92 -11.80 15.81 28.06
CA ALA A 92 -11.11 17.06 27.74
C ALA A 92 -10.84 17.18 26.24
N GLY A 93 -11.68 16.58 25.41
CA GLY A 93 -11.58 16.78 23.97
C GLY A 93 -10.68 15.82 23.21
N GLY A 94 -9.97 14.92 23.91
CA GLY A 94 -9.09 13.95 23.25
C GLY A 94 -7.61 14.31 23.27
N GLY A 95 -6.85 13.67 22.39
CA GLY A 95 -5.38 13.79 22.35
C GLY A 95 -4.74 12.42 22.25
N SER A 96 -3.53 12.30 22.80
CA SER A 96 -2.70 11.10 22.63
C SER A 96 -2.65 10.26 23.89
N LEU A 97 -3.26 9.08 23.81
CA LEU A 97 -3.33 8.15 24.92
C LEU A 97 -2.11 7.22 24.92
N GLY A 98 -1.40 7.15 23.79
CA GLY A 98 -0.12 6.48 23.70
C GLY A 98 0.59 6.72 22.38
N GLN A 99 1.59 5.87 22.15
CA GLN A 99 2.33 5.83 20.88
C GLN A 99 1.37 5.18 19.85
N ASP A 100 0.99 5.96 18.83
CA ASP A 100 0.01 5.57 17.80
C ASP A 100 -1.36 5.25 18.40
N ALA A 101 -1.77 6.02 19.40
CA ALA A 101 -3.05 5.80 20.07
C ALA A 101 -3.76 7.12 20.34
N PRO A 102 -4.19 7.81 19.27
CA PRO A 102 -4.93 9.06 19.42
C PRO A 102 -6.43 8.84 19.62
N ILE A 103 -7.05 9.61 20.50
CA ILE A 103 -8.50 9.56 20.73
C ILE A 103 -9.16 10.92 20.56
N GLY A 104 -10.46 10.90 20.31
CA GLY A 104 -11.26 12.12 20.14
C GLY A 104 -12.20 12.29 21.31
N PRO A 105 -13.00 13.36 21.29
CA PRO A 105 -13.99 13.55 22.36
C PRO A 105 -15.07 12.47 22.29
N GLY A 106 -15.45 11.95 23.45
CA GLY A 106 -16.36 10.81 23.54
C GLY A 106 -15.81 9.43 23.17
N SER A 107 -14.53 9.33 22.84
CA SER A 107 -13.92 8.05 22.43
C SER A 107 -13.89 6.97 23.51
N TYR A 108 -13.93 7.36 24.78
CA TYR A 108 -13.97 6.41 25.88
C TYR A 108 -15.25 5.58 25.80
N GLU A 109 -16.38 6.28 25.75
CA GLU A 109 -17.71 5.66 25.66
C GLU A 109 -17.84 4.77 24.43
N ILE A 110 -17.28 5.22 23.31
CA ILE A 110 -17.41 4.50 22.06
C ILE A 110 -16.51 3.27 22.09
N ALA A 111 -15.30 3.40 22.62
CA ALA A 111 -14.43 2.23 22.86
C ALA A 111 -15.11 1.16 23.72
N ARG A 112 -15.83 1.60 24.77
CA ARG A 112 -16.60 0.69 25.60
C ARG A 112 -17.68 -0.04 24.81
N LEU A 113 -18.32 0.68 23.89
CA LEU A 113 -19.34 0.09 23.04
C LEU A 113 -18.76 -0.97 22.10
N SER A 114 -17.63 -0.62 21.47
CA SER A 114 -16.87 -1.56 20.65
C SER A 114 -16.54 -2.85 21.39
N ALA A 115 -16.07 -2.72 22.63
CA ALA A 115 -15.74 -3.86 23.44
C ALA A 115 -16.98 -4.70 23.79
N GLY A 116 -18.08 -4.06 24.15
CA GLY A 116 -19.36 -4.71 24.38
C GLY A 116 -19.89 -5.54 23.21
N LEU A 117 -19.65 -5.11 21.99
CA LEU A 117 -20.08 -5.87 20.83
C LEU A 117 -19.33 -7.19 20.76
N ALA A 118 -18.02 -7.14 21.00
CA ALA A 118 -17.17 -8.35 21.07
C ALA A 118 -17.62 -9.30 22.18
N ILE A 119 -17.87 -8.75 23.36
CA ILE A 119 -18.40 -9.53 24.49
C ILE A 119 -19.71 -10.24 24.09
N ALA A 120 -20.62 -9.46 23.50
CA ALA A 120 -21.96 -9.95 23.15
C ALA A 120 -21.95 -10.99 22.04
N ALA A 121 -21.02 -10.84 21.11
CA ALA A 121 -20.88 -11.77 20.00
C ALA A 121 -20.45 -13.16 20.48
N LEU A 122 -19.46 -13.21 21.36
CA LEU A 122 -19.06 -14.48 22.00
C LEU A 122 -20.21 -15.08 22.82
N ASP A 123 -20.85 -14.24 23.62
CA ASP A 123 -21.98 -14.66 24.44
C ASP A 123 -23.09 -15.33 23.60
N ALA A 124 -23.48 -14.67 22.51
CA ALA A 124 -24.56 -15.14 21.62
C ALA A 124 -24.25 -16.52 21.04
N VAL A 125 -23.01 -16.69 20.60
CA VAL A 125 -22.58 -17.92 19.99
C VAL A 125 -22.47 -19.04 21.05
N LEU A 126 -21.91 -18.70 22.21
CA LEU A 126 -21.83 -19.67 23.31
C LEU A 126 -23.21 -20.06 23.86
N ALA A 127 -24.17 -19.14 23.84
CA ALA A 127 -25.52 -19.38 24.34
C ALA A 127 -26.42 -20.12 23.34
N GLY A 128 -25.95 -20.36 22.11
CA GLY A 128 -26.76 -21.00 21.08
C GLY A 128 -27.76 -20.09 20.36
N GLU A 129 -27.66 -18.78 20.58
CA GLU A 129 -28.48 -17.79 19.85
C GLU A 129 -28.11 -17.66 18.34
N ALA A 130 -26.92 -18.12 17.96
CA ALA A 130 -26.51 -18.12 16.56
C ALA A 130 -25.40 -19.13 16.37
N ASP A 131 -25.22 -19.58 15.13
CA ASP A 131 -24.19 -20.57 14.83
C ASP A 131 -22.83 -19.89 14.83
N ASN A 132 -22.78 -18.69 14.31
CA ASN A 132 -21.57 -17.90 14.32
C ASN A 132 -21.90 -16.40 14.33
N ALA A 133 -20.88 -15.56 14.41
CA ALA A 133 -21.11 -14.13 14.51
C ALA A 133 -19.97 -13.30 13.96
N TYR A 134 -20.32 -12.09 13.54
CA TYR A 134 -19.38 -11.09 13.07
C TYR A 134 -19.62 -9.82 13.87
N SER A 135 -18.56 -9.30 14.48
CA SER A 135 -18.66 -8.08 15.28
C SER A 135 -17.90 -6.97 14.57
N LEU A 136 -18.60 -5.92 14.15
CA LEU A 136 -17.96 -4.77 13.51
C LEU A 136 -17.55 -3.81 14.61
N SER A 137 -16.49 -4.20 15.34
CA SER A 137 -16.02 -3.52 16.54
C SER A 137 -15.01 -2.44 16.15
N ARG A 138 -15.44 -1.19 16.11
CA ARG A 138 -14.53 -0.06 15.96
C ARG A 138 -14.68 0.82 17.19
N PRO A 139 -13.62 1.22 17.87
CA PRO A 139 -12.21 1.00 17.48
C PRO A 139 -11.71 -0.43 17.70
N PRO A 140 -10.61 -0.81 17.05
CA PRO A 140 -10.07 -2.17 17.16
C PRO A 140 -9.37 -2.45 18.49
N GLY A 141 -8.93 -3.69 18.67
CA GLY A 141 -8.47 -4.18 19.97
C GLY A 141 -7.15 -4.91 20.10
N HIS A 142 -6.68 -5.56 19.05
CA HIS A 142 -5.65 -6.61 19.17
C HIS A 142 -4.24 -6.15 19.52
N HIS A 143 -3.94 -4.85 19.43
CA HIS A 143 -2.65 -4.33 19.88
C HIS A 143 -2.64 -3.83 21.30
N CYS A 144 -3.80 -3.71 21.94
CA CYS A 144 -3.90 -3.02 23.21
C CYS A 144 -3.45 -3.91 24.36
N LEU A 145 -2.47 -3.42 25.13
CA LEU A 145 -2.03 -4.08 26.35
C LEU A 145 -2.92 -3.63 27.52
N PRO A 146 -2.91 -4.40 28.62
CA PRO A 146 -3.69 -4.03 29.79
C PRO A 146 -3.55 -2.60 30.29
N ASP A 147 -2.36 -2.03 30.21
CA ASP A 147 -2.11 -0.67 30.71
C ASP A 147 -1.40 0.21 29.68
N GLN A 148 -1.54 -0.13 28.40
CA GLN A 148 -0.86 0.64 27.36
C GLN A 148 -1.65 0.55 26.07
N ALA A 149 -2.23 1.67 25.65
CA ALA A 149 -2.89 1.75 24.37
C ALA A 149 -1.83 1.75 23.28
N MET A 150 -2.06 0.99 22.21
CA MET A 150 -1.15 0.91 21.05
C MET A 150 -1.92 0.70 19.78
N GLY A 151 -1.32 1.10 18.67
CA GLY A 151 -1.82 0.73 17.35
C GLY A 151 -3.29 1.01 17.05
N PHE A 152 -3.77 2.12 17.61
CA PHE A 152 -5.17 2.57 17.51
C PHE A 152 -6.17 1.70 18.25
N CYS A 153 -5.69 0.89 19.20
CA CYS A 153 -6.52 0.05 20.04
C CYS A 153 -6.44 0.62 21.45
N PHE A 154 -7.61 0.72 22.08
CA PHE A 154 -7.71 1.32 23.42
C PHE A 154 -8.24 0.38 24.50
N PHE A 155 -9.00 -0.65 24.09
CA PHE A 155 -9.31 -1.80 24.93
C PHE A 155 -8.97 -3.08 24.18
N ALA A 156 -8.57 -4.13 24.90
CA ALA A 156 -8.23 -5.44 24.34
C ALA A 156 -9.52 -6.23 24.09
N ASN A 157 -10.22 -5.83 23.03
CA ASN A 157 -11.61 -6.24 22.84
C ASN A 157 -11.78 -7.74 22.98
N ILE A 158 -10.93 -8.50 22.29
CA ILE A 158 -11.07 -9.95 22.26
C ILE A 158 -10.75 -10.58 23.61
N ALA A 159 -9.66 -10.14 24.23
CA ALA A 159 -9.31 -10.58 25.58
C ALA A 159 -10.44 -10.28 26.58
N VAL A 160 -10.97 -9.05 26.54
CA VAL A 160 -12.10 -8.68 27.38
C VAL A 160 -13.29 -9.59 27.11
N ALA A 161 -13.56 -9.91 25.85
CA ALA A 161 -14.67 -10.79 25.50
C ALA A 161 -14.46 -12.24 26.01
N ILE A 162 -13.23 -12.74 25.90
CA ILE A 162 -12.90 -14.10 26.34
C ILE A 162 -13.01 -14.22 27.85
N GLU A 163 -12.43 -13.28 28.58
CA GLU A 163 -12.48 -13.31 30.05
C GLU A 163 -13.94 -13.27 30.53
N ALA A 164 -14.77 -12.45 29.88
CA ALA A 164 -16.20 -12.39 30.17
C ALA A 164 -16.89 -13.69 29.85
N ALA A 165 -16.54 -14.30 28.71
CA ALA A 165 -17.06 -15.60 28.33
C ALA A 165 -16.70 -16.69 29.33
N LYS A 166 -15.46 -16.70 29.82
CA LYS A 166 -15.05 -17.69 30.79
C LYS A 166 -15.83 -17.52 32.10
N ALA A 167 -16.05 -16.28 32.53
CA ALA A 167 -16.82 -16.04 33.75
C ALA A 167 -18.28 -16.44 33.58
N ARG A 168 -18.91 -16.16 32.44
CA ARG A 168 -20.32 -16.46 32.29
C ARG A 168 -20.60 -17.91 31.89
N HIS A 169 -19.82 -18.49 30.97
CA HIS A 169 -20.06 -19.85 30.44
C HIS A 169 -19.08 -20.94 30.90
N GLY A 170 -17.91 -20.58 31.40
CA GLY A 170 -16.90 -21.57 31.73
C GLY A 170 -16.41 -22.39 30.53
N VAL A 171 -16.16 -21.70 29.41
CA VAL A 171 -15.48 -22.31 28.27
C VAL A 171 -14.00 -22.48 28.59
N GLU A 172 -13.43 -23.66 28.27
CA GLU A 172 -12.08 -24.04 28.72
C GLU A 172 -10.96 -23.89 27.69
N ARG A 173 -11.30 -23.88 26.42
CA ARG A 173 -10.31 -23.84 25.33
C ARG A 173 -10.82 -22.96 24.19
N VAL A 174 -10.20 -21.80 24.03
CA VAL A 174 -10.55 -20.86 22.97
C VAL A 174 -9.32 -20.67 22.12
N ALA A 175 -9.46 -20.70 20.81
CA ALA A 175 -8.37 -20.38 19.89
C ALA A 175 -8.62 -19.02 19.27
N VAL A 176 -7.59 -18.18 19.24
CA VAL A 176 -7.71 -16.87 18.61
C VAL A 176 -6.80 -16.88 17.38
N LEU A 177 -7.39 -16.84 16.20
CA LEU A 177 -6.61 -16.76 14.96
C LEU A 177 -6.60 -15.31 14.51
N ASP A 178 -5.43 -14.71 14.42
CA ASP A 178 -5.33 -13.32 14.13
C ASP A 178 -4.72 -13.11 12.74
N TRP A 179 -5.59 -12.85 11.76
CA TRP A 179 -5.16 -12.63 10.38
C TRP A 179 -5.13 -11.18 9.89
N ASP A 180 -5.35 -10.22 10.81
CA ASP A 180 -4.89 -8.87 10.61
C ASP A 180 -3.42 -8.97 10.24
N VAL A 181 -2.98 -8.15 9.30
CA VAL A 181 -1.63 -8.23 8.75
C VAL A 181 -0.55 -7.88 9.76
N HIS A 182 -0.90 -7.18 10.82
CA HIS A 182 0.01 -6.84 11.89
C HIS A 182 -0.06 -7.86 13.02
N HIS A 183 0.98 -7.84 13.83
CA HIS A 183 1.13 -8.78 14.90
C HIS A 183 0.14 -8.50 16.06
N GLY A 184 -0.61 -9.52 16.47
CA GLY A 184 -1.54 -9.43 17.58
C GLY A 184 -0.80 -9.54 18.89
N ASN A 185 -0.07 -8.49 19.24
CA ASN A 185 0.79 -8.46 20.43
C ASN A 185 0.02 -8.38 21.74
N GLY A 186 -1.18 -7.81 21.70
CA GLY A 186 -2.02 -7.66 22.88
C GLY A 186 -2.55 -8.99 23.34
N THR A 187 -3.13 -9.73 22.42
CA THR A 187 -3.57 -11.11 22.68
C THR A 187 -2.39 -12.02 23.05
N GLN A 188 -1.27 -11.89 22.35
CA GLN A 188 -0.09 -12.70 22.67
C GLN A 188 0.40 -12.48 24.11
N ALA A 189 0.52 -11.21 24.51
CA ALA A 189 1.07 -10.92 25.83
C ALA A 189 0.11 -11.37 26.96
N ILE A 190 -1.18 -11.12 26.80
CA ILE A 190 -2.18 -11.45 27.84
C ILE A 190 -2.30 -12.98 28.11
N TYR A 191 -2.24 -13.76 27.04
CA TYR A 191 -2.42 -15.20 27.11
C TYR A 191 -1.10 -15.97 27.03
N TYR A 192 0.03 -15.28 27.21
CA TYR A 192 1.36 -15.84 26.87
C TYR A 192 1.79 -17.04 27.69
N ARG A 193 1.36 -17.07 28.95
CA ARG A 193 1.64 -18.17 29.84
C ARG A 193 0.43 -19.06 30.07
N ARG A 194 -0.56 -18.96 29.18
CA ARG A 194 -1.77 -19.75 29.26
C ARG A 194 -1.95 -20.76 28.13
N ASP A 195 -2.52 -21.89 28.54
CA ASP A 195 -2.90 -22.98 27.68
C ASP A 195 -4.39 -23.13 27.46
N ASP A 196 -5.22 -22.35 28.16
CA ASP A 196 -6.66 -22.31 27.84
C ASP A 196 -6.96 -21.42 26.61
N VAL A 197 -5.98 -20.65 26.15
CA VAL A 197 -6.12 -19.83 24.94
C VAL A 197 -4.94 -20.02 24.00
N LEU A 198 -5.18 -20.58 22.82
CA LEU A 198 -4.21 -20.71 21.76
C LEU A 198 -4.29 -19.46 20.90
N SER A 199 -3.21 -18.68 20.91
CA SER A 199 -3.16 -17.47 20.12
C SER A 199 -2.22 -17.73 18.95
N ILE A 200 -2.73 -17.49 17.73
CA ILE A 200 -1.96 -17.66 16.50
C ILE A 200 -2.01 -16.33 15.77
N SER A 201 -0.86 -15.83 15.34
CA SER A 201 -0.80 -14.62 14.53
C SER A 201 -0.09 -14.87 13.22
N LEU A 202 -0.85 -14.68 12.14
CA LEU A 202 -0.29 -14.52 10.83
C LEU A 202 -0.06 -13.06 10.65
N HIS A 203 1.15 -12.66 10.26
CA HIS A 203 1.43 -11.26 10.04
C HIS A 203 2.63 -11.11 9.13
N GLN A 204 2.70 -9.94 8.49
CA GLN A 204 3.86 -9.57 7.72
C GLN A 204 5.06 -9.41 8.67
N ASP A 205 6.12 -10.13 8.34
CA ASP A 205 7.38 -10.07 9.07
C ASP A 205 7.82 -8.63 9.23
N GLY A 206 7.88 -8.18 10.49
CA GLY A 206 8.47 -6.89 10.83
C GLY A 206 7.62 -5.65 10.57
N CYS A 207 6.33 -5.82 10.27
CA CYS A 207 5.49 -4.68 9.89
C CYS A 207 5.08 -3.85 11.11
N PHE A 208 4.21 -4.40 11.96
CA PHE A 208 3.87 -3.76 13.22
C PHE A 208 3.57 -4.80 14.31
N PRO A 209 4.21 -4.72 15.47
CA PRO A 209 5.24 -3.73 15.78
C PRO A 209 6.47 -3.83 14.87
N PRO A 210 7.08 -2.69 14.52
CA PRO A 210 8.15 -2.69 13.51
C PRO A 210 9.36 -3.49 13.94
N GLY A 211 9.84 -4.35 13.06
CA GLY A 211 11.01 -5.17 13.35
C GLY A 211 10.74 -6.46 14.07
N TYR A 212 9.48 -6.72 14.46
CA TYR A 212 9.12 -7.96 15.17
C TYR A 212 8.71 -9.09 14.21
N SER A 213 9.29 -10.27 14.39
CA SER A 213 8.92 -11.48 13.64
C SER A 213 8.20 -12.42 14.59
N GLY A 214 8.92 -12.90 15.58
CA GLY A 214 8.35 -13.64 16.71
C GLY A 214 8.20 -15.14 16.61
N ALA A 215 8.80 -15.79 15.63
CA ALA A 215 8.62 -17.25 15.45
C ALA A 215 9.06 -18.07 16.65
N GLU A 216 10.18 -17.67 17.25
CA GLU A 216 10.70 -18.26 18.49
C GLU A 216 9.83 -18.03 19.74
N ASP A 217 8.96 -17.02 19.73
CA ASP A 217 8.10 -16.71 20.87
C ASP A 217 6.87 -17.59 20.83
N ILE A 218 6.93 -18.73 21.50
CA ILE A 218 5.90 -19.77 21.42
C ILE A 218 5.12 -19.90 22.73
N GLY A 219 5.31 -18.96 23.63
CA GLY A 219 4.70 -19.03 24.97
C GLY A 219 5.72 -19.54 25.96
N GLU A 220 5.38 -19.42 27.24
CA GLU A 220 6.25 -19.85 28.31
C GLU A 220 5.50 -20.58 29.40
N ASP A 221 6.25 -21.38 30.14
CA ASP A 221 5.76 -22.31 31.17
C ASP A 221 4.44 -23.01 30.81
N ARG A 222 3.35 -22.73 31.51
CA ARG A 222 2.08 -23.38 31.23
C ARG A 222 1.60 -23.12 29.79
N GLY A 223 1.93 -21.95 29.26
CA GLY A 223 1.59 -21.58 27.91
C GLY A 223 2.59 -21.95 26.82
N ARG A 224 3.64 -22.69 27.16
CA ARG A 224 4.61 -23.06 26.13
C ARG A 224 3.98 -23.97 25.08
N GLY A 225 4.10 -23.56 23.82
CA GLY A 225 3.41 -24.19 22.70
C GLY A 225 2.03 -23.64 22.38
N PHE A 226 1.50 -22.72 23.17
CA PHE A 226 0.12 -22.24 22.99
C PHE A 226 0.07 -20.78 22.46
N ASN A 227 1.17 -20.37 21.82
CA ASN A 227 1.26 -19.15 21.05
C ASN A 227 2.09 -19.43 19.82
N LEU A 228 1.59 -19.05 18.65
CA LEU A 228 2.30 -19.31 17.40
C LEU A 228 2.27 -18.09 16.49
N ASN A 229 3.47 -17.64 16.10
CA ASN A 229 3.65 -16.53 15.16
C ASN A 229 4.14 -17.06 13.85
N VAL A 230 3.50 -16.61 12.76
CA VAL A 230 3.87 -16.94 11.41
C VAL A 230 4.25 -15.63 10.68
N PRO A 231 5.54 -15.25 10.73
CA PRO A 231 5.93 -14.01 10.09
C PRO A 231 6.14 -14.23 8.60
N LEU A 232 5.16 -13.86 7.80
CA LEU A 232 5.22 -14.04 6.35
C LEU A 232 6.07 -12.95 5.70
N LEU A 233 6.79 -13.28 4.65
CA LEU A 233 7.62 -12.29 3.97
C LEU A 233 6.73 -11.22 3.33
N PRO A 234 7.10 -9.92 3.46
CA PRO A 234 6.40 -8.87 2.72
C PRO A 234 6.32 -9.21 1.23
N GLY A 235 5.23 -8.84 0.59
CA GLY A 235 5.00 -9.13 -0.80
C GLY A 235 4.18 -10.38 -1.07
N GLY A 236 4.01 -11.22 -0.05
CA GLY A 236 3.24 -12.44 -0.18
C GLY A 236 1.75 -12.21 -0.32
N GLY A 237 1.06 -13.17 -0.92
CA GLY A 237 -0.36 -13.10 -1.14
C GLY A 237 -1.06 -14.41 -0.89
N HIS A 238 -1.90 -14.79 -1.83
CA HIS A 238 -2.85 -15.85 -1.63
C HIS A 238 -2.22 -17.19 -1.22
N ASP A 239 -1.26 -17.66 -2.01
CA ASP A 239 -0.60 -18.94 -1.75
C ASP A 239 0.11 -18.93 -0.41
N ALA A 240 0.82 -17.85 -0.09
CA ALA A 240 1.51 -17.73 1.20
C ALA A 240 0.54 -17.98 2.34
N TYR A 241 -0.62 -17.32 2.29
CA TYR A 241 -1.64 -17.49 3.33
C TYR A 241 -2.25 -18.89 3.31
N MET A 242 -2.49 -19.43 2.14
CA MET A 242 -3.05 -20.80 2.06
C MET A 242 -2.10 -21.82 2.63
N GLN A 243 -0.82 -21.68 2.34
CA GLN A 243 0.21 -22.57 2.87
C GLN A 243 0.34 -22.43 4.38
N ALA A 244 0.36 -21.20 4.88
CA ALA A 244 0.35 -20.96 6.32
C ALA A 244 -0.83 -21.62 7.01
N MET A 245 -2.02 -21.54 6.41
CA MET A 245 -3.23 -22.14 6.99
C MET A 245 -3.14 -23.65 7.05
N GLN A 246 -2.72 -24.26 5.94
CA GLN A 246 -2.66 -25.71 5.82
C GLN A 246 -1.53 -26.39 6.60
N ARG A 247 -0.37 -25.75 6.71
CA ARG A 247 0.79 -26.34 7.38
C ARG A 247 0.95 -25.99 8.86
N ILE A 248 0.44 -24.81 9.27
CA ILE A 248 0.56 -24.34 10.66
C ILE A 248 -0.78 -24.24 11.40
N VAL A 249 -1.74 -23.55 10.81
CA VAL A 249 -2.94 -23.15 11.55
C VAL A 249 -3.86 -24.33 11.75
N LEU A 250 -4.21 -25.04 10.67
CA LEU A 250 -5.13 -26.16 10.80
C LEU A 250 -4.56 -27.28 11.65
N PRO A 251 -3.27 -27.65 11.46
CA PRO A 251 -2.70 -28.64 12.37
C PRO A 251 -2.71 -28.18 13.82
N ALA A 252 -2.40 -26.90 14.09
CA ALA A 252 -2.39 -26.39 15.47
C ALA A 252 -3.76 -26.44 16.16
N LEU A 253 -4.80 -26.08 15.42
CA LEU A 253 -6.19 -26.16 15.90
C LEU A 253 -6.61 -27.60 16.13
N GLU A 254 -6.20 -28.48 15.21
CA GLU A 254 -6.42 -29.92 15.32
C GLU A 254 -5.83 -30.45 16.63
N ARG A 255 -4.61 -30.04 16.96
CA ARG A 255 -3.95 -30.45 18.20
C ARG A 255 -4.59 -29.84 19.45
N PHE A 256 -5.07 -28.61 19.36
CA PHE A 256 -5.59 -27.87 20.52
C PHE A 256 -7.07 -28.21 20.86
N ARG A 257 -7.85 -28.63 19.86
CA ARG A 257 -9.28 -28.99 20.04
C ARG A 257 -10.11 -27.85 20.66
N PRO A 258 -10.19 -26.69 19.97
CA PRO A 258 -10.88 -25.54 20.52
C PRO A 258 -12.40 -25.78 20.67
N GLN A 259 -12.96 -25.28 21.77
CA GLN A 259 -14.40 -25.27 22.00
C GLN A 259 -15.04 -23.99 21.49
N LEU A 260 -14.22 -23.03 21.11
CA LEU A 260 -14.64 -21.79 20.51
C LEU A 260 -13.48 -21.24 19.68
N ILE A 261 -13.75 -20.80 18.46
CA ILE A 261 -12.74 -20.10 17.67
C ILE A 261 -13.16 -18.66 17.53
N VAL A 262 -12.25 -17.74 17.88
CA VAL A 262 -12.40 -16.31 17.65
C VAL A 262 -11.35 -15.90 16.64
N VAL A 263 -11.75 -15.13 15.62
CA VAL A 263 -10.83 -14.61 14.61
C VAL A 263 -10.69 -13.11 14.82
N ALA A 264 -9.45 -12.64 14.96
CA ALA A 264 -9.14 -11.22 14.89
C ALA A 264 -8.89 -10.90 13.42
N SER A 265 -9.96 -10.46 12.76
CA SER A 265 -9.99 -10.29 11.30
C SER A 265 -9.77 -8.83 10.91
N GLY A 266 -8.52 -8.47 10.69
CA GLY A 266 -8.18 -7.26 9.95
C GLY A 266 -8.14 -7.65 8.50
N PHE A 267 -8.35 -6.68 7.62
CA PHE A 267 -8.28 -6.89 6.18
C PHE A 267 -7.12 -6.11 5.55
N ASP A 268 -6.18 -5.70 6.39
CA ASP A 268 -5.06 -4.90 5.96
C ASP A 268 -3.97 -5.73 5.27
N ALA A 269 -4.18 -7.05 5.12
CA ALA A 269 -3.39 -7.87 4.17
C ALA A 269 -3.85 -7.75 2.71
N ASN A 270 -4.97 -7.07 2.47
CA ASN A 270 -5.44 -6.88 1.13
C ASN A 270 -4.40 -6.16 0.24
N ALA A 271 -4.47 -6.47 -1.04
CA ALA A 271 -3.47 -6.08 -2.03
C ALA A 271 -3.31 -4.57 -2.24
N VAL A 272 -4.28 -3.75 -1.85
CA VAL A 272 -4.16 -2.29 -1.96
C VAL A 272 -4.11 -1.55 -0.64
N ASP A 273 -3.78 -2.22 0.45
CA ASP A 273 -3.72 -1.53 1.74
C ASP A 273 -2.44 -0.71 1.86
N PRO A 274 -2.55 0.56 2.30
CA PRO A 274 -1.32 1.33 2.52
C PRO A 274 -0.51 0.87 3.76
N LEU A 275 -1.15 0.22 4.73
CA LEU A 275 -0.50 -0.06 6.01
C LEU A 275 0.25 -1.40 6.09
N ALA A 276 0.31 -2.12 4.98
CA ALA A 276 1.19 -3.29 4.83
C ALA A 276 1.46 -3.55 3.33
N ARG A 277 2.16 -4.65 3.03
CA ARG A 277 2.70 -4.97 1.70
C ARG A 277 2.30 -6.37 1.19
N MET A 278 1.20 -6.92 1.69
CA MET A 278 0.73 -8.25 1.28
C MET A 278 -0.30 -8.13 0.16
N GLN A 279 -0.63 -9.24 -0.49
CA GLN A 279 -1.39 -9.25 -1.76
C GLN A 279 -2.65 -10.13 -1.72
N LEU A 280 -3.43 -10.03 -0.66
CA LEU A 280 -4.68 -10.80 -0.58
C LEU A 280 -5.85 -10.15 -1.33
N HIS A 281 -6.69 -11.00 -1.92
CA HIS A 281 -7.94 -10.58 -2.55
C HIS A 281 -9.10 -11.12 -1.71
N SER A 282 -10.33 -10.77 -2.08
CA SER A 282 -11.50 -11.16 -1.28
C SER A 282 -11.71 -12.69 -1.16
N ASP A 283 -11.43 -13.44 -2.20
CA ASP A 283 -11.44 -14.90 -2.12
C ASP A 283 -10.39 -15.52 -1.16
N SER A 284 -9.30 -14.80 -0.89
CA SER A 284 -8.33 -15.25 0.10
C SER A 284 -8.99 -15.25 1.48
N PHE A 285 -9.64 -14.14 1.82
CA PHE A 285 -10.36 -14.06 3.09
C PHE A 285 -11.56 -15.03 3.14
N ARG A 286 -12.22 -15.23 2.01
CA ARG A 286 -13.26 -16.24 1.91
C ARG A 286 -12.71 -17.62 2.24
N ALA A 287 -11.56 -17.97 1.64
CA ALA A 287 -10.97 -19.29 1.86
C ALA A 287 -10.52 -19.50 3.31
N MET A 288 -9.86 -18.50 3.90
CA MET A 288 -9.44 -18.58 5.30
C MET A 288 -10.63 -18.75 6.25
N THR A 289 -11.72 -18.01 5.98
CA THR A 289 -12.96 -18.15 6.75
C THR A 289 -13.54 -19.55 6.58
N ALA A 290 -13.55 -20.08 5.35
CA ALA A 290 -14.04 -21.47 5.12
C ALA A 290 -13.22 -22.48 5.95
N MET A 291 -11.91 -22.31 5.94
CA MET A 291 -11.02 -23.22 6.63
C MET A 291 -11.18 -23.16 8.14
N VAL A 292 -11.41 -21.95 8.64
CA VAL A 292 -11.62 -21.76 10.09
C VAL A 292 -13.03 -22.21 10.50
N ARG A 293 -14.03 -21.98 9.65
CA ARG A 293 -15.39 -22.46 9.91
C ARG A 293 -15.43 -23.98 9.99
N ASP A 294 -14.82 -24.62 9.01
CA ASP A 294 -14.62 -26.07 9.02
C ASP A 294 -13.98 -26.59 10.34
N ALA A 295 -12.88 -25.97 10.75
CA ALA A 295 -12.24 -26.30 12.04
C ALA A 295 -13.22 -26.14 13.22
N ALA A 296 -14.00 -25.03 13.20
CA ALA A 296 -15.05 -24.82 14.22
C ALA A 296 -16.14 -25.89 14.21
N GLU A 297 -16.57 -26.31 13.02
CA GLU A 297 -17.60 -27.34 12.88
C GLU A 297 -17.06 -28.67 13.50
N ARG A 298 -15.79 -28.96 13.31
CA ARG A 298 -15.17 -30.21 13.76
C ARG A 298 -14.89 -30.32 15.26
N HIS A 299 -14.52 -29.22 15.91
CA HIS A 299 -14.15 -29.20 17.35
C HIS A 299 -15.06 -28.42 18.27
N ALA A 300 -15.69 -27.39 17.73
CA ALA A 300 -16.31 -26.37 18.56
C ALA A 300 -17.81 -26.30 18.39
N GLY A 301 -18.44 -27.34 17.83
CA GLY A 301 -19.87 -27.29 17.55
C GLY A 301 -20.27 -26.16 16.60
N GLY A 302 -19.36 -25.75 15.73
CA GLY A 302 -19.56 -24.61 14.81
C GLY A 302 -19.31 -23.22 15.38
N ARG A 303 -18.91 -23.14 16.66
CA ARG A 303 -18.84 -21.85 17.35
C ARG A 303 -17.65 -21.01 16.91
N LEU A 304 -17.95 -20.05 16.04
CA LEU A 304 -16.98 -19.19 15.43
C LEU A 304 -17.43 -17.74 15.55
N VAL A 305 -16.54 -16.85 16.01
CA VAL A 305 -16.78 -15.41 16.04
C VAL A 305 -15.65 -14.67 15.34
N VAL A 306 -16.00 -13.79 14.41
CA VAL A 306 -15.04 -12.98 13.69
C VAL A 306 -15.18 -11.54 14.17
N VAL A 307 -14.11 -10.98 14.71
CA VAL A 307 -14.11 -9.61 15.21
C VAL A 307 -13.28 -8.75 14.25
N HIS A 308 -13.91 -7.68 13.77
CA HIS A 308 -13.27 -6.75 12.84
C HIS A 308 -12.10 -6.05 13.55
N GLU A 309 -10.93 -6.04 12.91
CA GLU A 309 -9.76 -5.35 13.51
C GLU A 309 -9.32 -4.23 12.56
N GLY A 310 -8.21 -4.40 11.86
CA GLY A 310 -7.69 -3.37 10.97
C GLY A 310 -8.20 -3.53 9.54
N GLY A 311 -7.57 -2.79 8.64
CA GLY A 311 -8.02 -2.63 7.26
C GLY A 311 -8.21 -1.15 7.00
N PHE A 312 -7.36 -0.58 6.17
CA PHE A 312 -7.40 0.83 5.90
C PHE A 312 -8.00 1.18 4.54
N SER A 313 -7.85 0.34 3.53
CA SER A 313 -8.36 0.65 2.18
C SER A 313 -9.88 0.83 2.10
N GLU A 314 -10.32 2.06 1.88
CA GLU A 314 -11.74 2.39 1.70
C GLU A 314 -12.39 1.60 0.58
N ALA A 315 -11.69 1.56 -0.56
CA ALA A 315 -12.21 0.90 -1.76
C ALA A 315 -12.39 -0.60 -1.61
N TYR A 316 -11.42 -1.27 -0.99
CA TYR A 316 -11.33 -2.74 -1.07
C TYR A 316 -11.67 -3.53 0.20
N VAL A 317 -11.57 -2.91 1.38
CA VAL A 317 -12.01 -3.59 2.60
C VAL A 317 -13.48 -4.08 2.52
N PRO A 318 -14.39 -3.30 1.94
CA PRO A 318 -15.77 -3.78 1.93
C PRO A 318 -15.96 -5.14 1.23
N PHE A 319 -15.24 -5.33 0.13
CA PHE A 319 -15.31 -6.59 -0.63
C PHE A 319 -14.70 -7.74 0.13
N CYS A 320 -13.59 -7.50 0.83
CA CYS A 320 -12.97 -8.52 1.66
C CYS A 320 -13.84 -8.92 2.87
N GLY A 321 -14.46 -7.93 3.52
CA GLY A 321 -15.35 -8.20 4.65
C GLY A 321 -16.65 -8.86 4.22
N LEU A 322 -17.20 -8.40 3.10
CA LEU A 322 -18.35 -9.06 2.51
C LEU A 322 -18.09 -10.55 2.29
N ALA A 323 -16.92 -10.88 1.73
CA ALA A 323 -16.58 -12.28 1.42
C ALA A 323 -16.65 -13.17 2.69
N VAL A 324 -16.14 -12.62 3.79
CA VAL A 324 -16.09 -13.34 5.07
C VAL A 324 -17.48 -13.67 5.55
N ILE A 325 -18.35 -12.66 5.50
CA ILE A 325 -19.69 -12.76 6.00
C ILE A 325 -20.57 -13.65 5.13
N GLU A 326 -20.33 -13.65 3.82
CA GLU A 326 -20.97 -14.60 2.91
C GLU A 326 -20.62 -16.04 3.31
N GLU A 327 -19.34 -16.24 3.60
CA GLU A 327 -18.83 -17.52 3.98
C GLU A 327 -19.39 -17.96 5.34
N LEU A 328 -19.44 -17.06 6.32
CA LEU A 328 -20.04 -17.37 7.61
C LEU A 328 -21.52 -17.78 7.47
N SER A 329 -22.28 -17.00 6.72
CA SER A 329 -23.73 -17.19 6.58
C SER A 329 -24.12 -18.31 5.61
N GLY A 330 -23.24 -18.68 4.69
CA GLY A 330 -23.56 -19.65 3.63
C GLY A 330 -24.39 -19.05 2.52
N VAL A 331 -24.38 -17.73 2.41
CA VAL A 331 -25.19 -16.99 1.45
C VAL A 331 -24.24 -16.25 0.51
N ARG A 332 -24.42 -16.47 -0.79
CA ARG A 332 -23.60 -15.81 -1.77
C ARG A 332 -24.45 -14.73 -2.46
N SER A 333 -24.03 -13.46 -2.33
CA SER A 333 -24.73 -12.32 -2.94
C SER A 333 -24.36 -12.15 -4.42
N ALA A 334 -25.01 -11.19 -5.08
CA ALA A 334 -24.68 -10.81 -6.46
C ALA A 334 -23.40 -9.99 -6.61
N VAL A 335 -22.77 -9.61 -5.50
CA VAL A 335 -21.56 -8.78 -5.54
C VAL A 335 -20.41 -9.55 -6.17
N ARG A 336 -19.74 -8.92 -7.14
CA ARG A 336 -18.55 -9.46 -7.77
C ARG A 336 -17.43 -8.46 -7.47
N ASP A 337 -16.33 -8.99 -6.97
CA ASP A 337 -15.16 -8.24 -6.60
C ASP A 337 -14.47 -7.76 -7.87
N PRO A 338 -14.45 -6.43 -8.12
CA PRO A 338 -13.90 -5.92 -9.38
C PRO A 338 -12.36 -5.88 -9.47
N LEU A 339 -11.66 -6.12 -8.37
CA LEU A 339 -10.18 -6.22 -8.35
C LEU A 339 -9.65 -7.66 -8.43
N ARG A 340 -10.51 -8.65 -8.23
CA ARG A 340 -10.15 -10.07 -8.11
C ARG A 340 -9.19 -10.59 -9.20
N ASP A 341 -9.60 -10.50 -10.45
CA ASP A 341 -8.78 -11.00 -11.58
C ASP A 341 -7.45 -10.27 -11.72
N PHE A 342 -7.50 -8.98 -11.45
CA PHE A 342 -6.36 -8.11 -11.47
C PHE A 342 -5.34 -8.46 -10.38
N ILE A 343 -5.79 -8.69 -9.15
CA ILE A 343 -4.91 -9.12 -8.05
C ILE A 343 -4.31 -10.53 -8.28
N GLU A 344 -5.03 -11.43 -8.95
CA GLU A 344 -4.46 -12.74 -9.37
C GLU A 344 -3.19 -12.61 -10.17
N LEU A 345 -3.20 -11.68 -11.14
CA LEU A 345 -2.08 -11.50 -12.05
C LEU A 345 -0.86 -10.93 -11.36
N GLN A 346 -1.06 -10.24 -10.23
CA GLN A 346 0.05 -9.61 -9.49
C GLN A 346 0.73 -10.50 -8.45
N GLN A 347 0.21 -11.71 -8.27
CA GLN A 347 0.72 -12.62 -7.24
C GLN A 347 2.21 -12.96 -7.44
N PRO A 348 2.91 -13.29 -6.34
CA PRO A 348 4.30 -13.76 -6.45
C PRO A 348 4.49 -14.86 -7.49
N ASN A 349 5.59 -14.79 -8.24
CA ASN A 349 5.94 -15.82 -9.23
C ASN A 349 6.28 -17.14 -8.54
N ALA A 350 6.43 -18.19 -9.35
CA ALA A 350 6.71 -19.54 -8.85
C ALA A 350 7.95 -19.61 -7.92
N ALA A 351 8.99 -18.87 -8.25
CA ALA A 351 10.24 -18.94 -7.48
C ALA A 351 10.06 -18.35 -6.09
N PHE A 352 9.40 -17.20 -6.03
CA PHE A 352 9.04 -16.55 -4.77
C PHE A 352 8.07 -17.40 -3.93
N ARG A 353 7.04 -17.99 -4.58
CA ARG A 353 6.11 -18.91 -3.88
C ARG A 353 6.84 -20.08 -3.24
N ASP A 354 7.72 -20.71 -4.02
CA ASP A 354 8.51 -21.85 -3.55
C ASP A 354 9.41 -21.44 -2.35
N PHE A 355 10.04 -20.28 -2.46
CA PHE A 355 10.87 -19.75 -1.37
C PHE A 355 10.07 -19.57 -0.06
N GLN A 356 8.90 -18.97 -0.14
CA GLN A 356 8.03 -18.79 1.03
C GLN A 356 7.48 -20.14 1.54
N ARG A 357 7.23 -21.06 0.62
CA ARG A 357 6.70 -22.38 0.98
C ARG A 357 7.73 -23.16 1.79
N GLN A 358 8.97 -23.12 1.35
CA GLN A 358 10.05 -23.79 2.07
C GLN A 358 10.24 -23.27 3.49
N ARG A 359 10.13 -21.96 3.65
CA ARG A 359 10.19 -21.34 4.97
C ARG A 359 9.07 -21.78 5.89
N LEU A 360 7.86 -21.88 5.33
CA LEU A 360 6.70 -22.37 6.11
C LEU A 360 6.78 -23.84 6.48
N GLU A 361 7.37 -24.66 5.61
CA GLU A 361 7.67 -26.07 5.94
C GLU A 361 8.65 -26.17 7.09
N GLU A 362 9.71 -25.37 7.02
CA GLU A 362 10.71 -25.35 8.10
C GLU A 362 10.09 -24.91 9.39
N LEU A 363 9.24 -23.90 9.31
CA LEU A 363 8.60 -23.35 10.49
C LEU A 363 7.64 -24.34 11.13
N ALA A 364 6.78 -24.96 10.33
CA ALA A 364 5.92 -26.06 10.79
C ALA A 364 6.69 -27.21 11.46
N ALA A 365 7.88 -27.53 10.94
CA ALA A 365 8.79 -28.51 11.60
C ALA A 365 9.28 -27.99 12.94
N GLN A 366 9.76 -26.75 12.98
CA GLN A 366 10.22 -26.09 14.21
C GLN A 366 9.16 -26.19 15.31
N PHE A 367 7.92 -25.87 14.94
CA PHE A 367 6.77 -25.97 15.84
C PHE A 367 6.34 -27.40 16.16
N GLY A 368 6.91 -28.41 15.50
CA GLY A 368 6.54 -29.80 15.76
C GLY A 368 5.17 -30.18 15.23
N LEU A 369 4.76 -29.55 14.15
CA LEU A 369 3.45 -29.77 13.53
C LEU A 369 3.53 -30.57 12.21
N CYS A 370 4.72 -30.89 11.71
CA CYS A 370 4.84 -31.40 10.31
C CYS A 370 4.01 -32.67 10.01
N ARG B 2 24.88 24.09 -7.24
CA ARG B 2 24.07 23.54 -8.40
C ARG B 2 22.75 24.30 -8.64
N ARG B 3 22.48 24.56 -9.91
CA ARG B 3 21.30 25.31 -10.36
C ARG B 3 20.26 24.32 -10.90
N THR B 4 19.17 24.12 -10.13
CA THR B 4 18.09 23.22 -10.47
C THR B 4 16.84 24.01 -10.88
N ALA B 5 16.32 23.72 -12.06
CA ALA B 5 15.06 24.27 -12.50
C ALA B 5 13.89 23.39 -12.00
N PHE B 6 12.90 24.03 -11.41
CA PHE B 6 11.68 23.39 -10.99
C PHE B 6 10.56 23.86 -11.92
N PHE B 7 10.18 22.99 -12.84
CA PHE B 7 9.09 23.26 -13.77
C PHE B 7 7.79 22.83 -13.13
N PHE B 8 6.92 23.81 -12.90
CA PHE B 8 5.68 23.65 -12.16
C PHE B 8 4.66 24.60 -12.74
N ASP B 9 3.39 24.16 -12.81
CA ASP B 9 2.27 25.07 -13.05
C ASP B 9 1.09 24.63 -12.21
N GLU B 10 0.50 25.59 -11.51
CA GLU B 10 -0.66 25.36 -10.63
C GLU B 10 -1.80 24.66 -11.36
N LEU B 11 -1.99 25.03 -12.62
CA LEU B 11 -3.05 24.50 -13.46
C LEU B 11 -2.99 22.97 -13.65
N CYS B 12 -1.80 22.38 -13.58
CA CYS B 12 -1.69 20.92 -13.60
C CYS B 12 -2.39 20.23 -12.44
N LEU B 13 -2.53 20.95 -11.34
CA LEU B 13 -3.25 20.43 -10.18
C LEU B 13 -4.78 20.53 -10.29
N TRP B 14 -5.29 21.16 -11.36
CA TRP B 14 -6.74 21.33 -11.57
C TRP B 14 -7.36 20.25 -12.47
N HIS B 15 -6.55 19.32 -12.98
CA HIS B 15 -7.05 18.20 -13.78
C HIS B 15 -7.71 17.24 -12.80
N ALA B 16 -8.96 16.85 -13.09
CA ALA B 16 -9.67 15.94 -12.18
C ALA B 16 -10.66 15.09 -12.95
N ALA B 17 -10.53 13.78 -12.78
CA ALA B 17 -11.44 12.80 -13.40
C ALA B 17 -12.79 12.71 -12.66
N GLY B 18 -13.69 11.87 -13.17
CA GLY B 18 -14.95 11.57 -12.46
C GLY B 18 -14.71 10.82 -11.14
N PRO B 19 -15.79 10.49 -10.42
CA PRO B 19 -15.61 9.83 -9.13
C PRO B 19 -15.05 8.39 -9.21
N HIS B 20 -14.00 8.14 -8.42
CA HIS B 20 -13.33 6.85 -8.28
C HIS B 20 -13.03 6.55 -6.83
N ALA B 21 -13.08 5.26 -6.48
CA ALA B 21 -12.67 4.77 -5.19
C ALA B 21 -11.30 4.16 -5.45
N LEU B 22 -10.27 4.87 -4.98
CA LEU B 22 -8.87 4.57 -5.32
C LEU B 22 -8.72 4.63 -6.84
N THR B 23 -8.64 3.48 -7.51
CA THR B 23 -8.54 3.36 -8.97
C THR B 23 -9.82 2.81 -9.61
N LEU B 24 -10.81 2.43 -8.81
CA LEU B 24 -12.04 1.83 -9.32
C LEU B 24 -13.02 2.92 -9.71
N PRO B 25 -13.49 2.92 -10.98
CA PRO B 25 -14.54 3.89 -11.32
C PRO B 25 -15.79 3.62 -10.49
N VAL B 26 -16.40 4.68 -9.97
CA VAL B 26 -17.61 4.55 -9.18
C VAL B 26 -18.71 4.02 -10.10
N GLY B 27 -19.62 3.24 -9.53
CA GLY B 27 -20.69 2.55 -10.26
C GLY B 27 -20.67 1.08 -9.91
N GLY B 28 -21.79 0.41 -10.16
CA GLY B 28 -21.95 -0.99 -9.82
C GLY B 28 -21.88 -1.20 -8.31
N TRP B 29 -20.94 -2.04 -7.89
CA TRP B 29 -20.76 -2.33 -6.48
C TRP B 29 -19.80 -1.37 -5.76
N VAL B 30 -19.20 -0.43 -6.51
CA VAL B 30 -18.23 0.52 -5.98
C VAL B 30 -18.92 1.82 -5.56
N GLN B 31 -19.15 1.98 -4.26
CA GLN B 31 -19.78 3.16 -3.68
C GLN B 31 -18.93 4.44 -3.88
N PRO B 32 -19.57 5.60 -4.14
CA PRO B 32 -18.81 6.88 -4.20
C PRO B 32 -18.14 7.19 -2.88
N PRO B 33 -16.86 7.57 -2.90
CA PRO B 33 -16.19 7.93 -1.64
C PRO B 33 -16.67 9.29 -1.15
N ALA B 34 -16.77 9.45 0.16
CA ALA B 34 -17.29 10.69 0.74
C ALA B 34 -16.35 11.89 0.56
N ALA B 35 -15.08 11.61 0.29
CA ALA B 35 -14.07 12.64 0.10
C ALA B 35 -13.18 12.36 -1.12
N ALA B 36 -12.43 11.26 -1.03
CA ALA B 36 -11.28 10.98 -1.93
C ALA B 36 -11.44 11.43 -3.41
N GLY B 37 -12.04 10.60 -4.27
CA GLY B 37 -12.32 10.98 -5.68
C GLY B 37 -11.57 10.44 -6.87
N HIS B 38 -10.26 10.36 -6.73
CA HIS B 38 -9.42 9.51 -7.59
C HIS B 38 -8.02 9.26 -7.03
N ALA B 39 -7.42 8.17 -7.49
CA ALA B 39 -6.00 7.86 -7.28
C ALA B 39 -5.00 8.90 -7.71
N GLU B 40 -5.03 9.22 -8.99
CA GLU B 40 -4.24 10.32 -9.53
C GLU B 40 -4.95 11.64 -9.12
N SER B 41 -4.92 11.96 -7.83
CA SER B 41 -5.50 13.20 -7.32
C SER B 41 -4.44 14.30 -7.34
N PRO B 42 -4.89 15.58 -7.31
CA PRO B 42 -3.94 16.68 -7.19
C PRO B 42 -3.13 16.70 -5.90
N GLU B 43 -3.73 16.22 -4.80
CA GLU B 43 -3.22 16.41 -3.42
C GLU B 43 -1.82 15.89 -3.20
N THR B 44 -1.52 14.75 -3.76
CA THR B 44 -0.19 14.21 -3.64
C THR B 44 0.86 15.20 -4.23
N LYS B 45 0.62 15.73 -5.42
CA LYS B 45 1.54 16.71 -6.02
C LYS B 45 1.48 18.06 -5.31
N ARG B 46 0.29 18.48 -4.90
CA ARG B 46 0.12 19.75 -4.18
C ARG B 46 0.86 19.78 -2.86
N ARG B 47 0.82 18.68 -2.13
CA ARG B 47 1.51 18.57 -0.85
C ARG B 47 3.03 18.52 -1.02
N LEU B 48 3.51 17.94 -2.13
CA LEU B 48 4.94 18.05 -2.49
C LEU B 48 5.31 19.53 -2.66
N LYS B 49 4.52 20.26 -3.42
CA LYS B 49 4.74 21.68 -3.62
C LYS B 49 4.68 22.49 -2.32
N SER B 50 3.72 22.16 -1.46
CA SER B 50 3.61 22.85 -0.17
C SER B 50 4.81 22.60 0.73
N LEU B 51 5.27 21.36 0.79
CA LEU B 51 6.43 21.04 1.60
C LEU B 51 7.67 21.74 1.04
N LEU B 52 7.85 21.75 -0.27
CA LEU B 52 8.94 22.51 -0.87
C LEU B 52 8.92 23.97 -0.49
N ASP B 53 7.73 24.58 -0.44
CA ASP B 53 7.58 25.99 -0.06
C ASP B 53 7.99 26.21 1.38
N VAL B 54 7.34 25.51 2.33
CA VAL B 54 7.60 25.79 3.75
C VAL B 54 9.01 25.38 4.22
N SER B 55 9.63 24.41 3.55
CA SER B 55 11.03 24.05 3.77
C SER B 55 12.05 25.11 3.31
N GLY B 56 11.64 26.10 2.51
CA GLY B 56 12.58 27.07 1.93
C GLY B 56 13.31 26.61 0.66
N LEU B 57 12.98 25.42 0.19
CA LEU B 57 13.65 24.85 -0.99
C LEU B 57 13.24 25.49 -2.29
N THR B 58 11.96 25.78 -2.43
CA THR B 58 11.44 26.49 -3.59
C THR B 58 12.18 27.81 -3.84
N ALA B 59 12.50 28.54 -2.78
CA ALA B 59 13.28 29.78 -2.90
C ALA B 59 14.68 29.57 -3.50
N ARG B 60 15.27 28.38 -3.32
CA ARG B 60 16.60 28.04 -3.86
C ARG B 60 16.58 27.40 -5.26
N LEU B 61 15.40 27.11 -5.81
CA LEU B 61 15.30 26.55 -7.15
C LEU B 61 15.03 27.67 -8.15
N GLN B 62 15.21 27.35 -9.42
CA GLN B 62 14.87 28.24 -10.49
C GLN B 62 13.44 27.87 -10.97
N LEU B 63 12.45 28.57 -10.41
CA LEU B 63 11.03 28.22 -10.62
C LEU B 63 10.49 28.72 -11.97
N ARG B 64 10.07 27.78 -12.82
CA ARG B 64 9.71 28.04 -14.21
C ARG B 64 8.35 27.40 -14.51
N SER B 65 7.61 28.02 -15.42
CA SER B 65 6.54 27.35 -16.13
C SER B 65 6.94 27.24 -17.59
N ALA B 66 5.98 26.82 -18.43
CA ALA B 66 6.23 26.62 -19.86
C ALA B 66 4.94 26.74 -20.65
N PRO B 67 5.06 27.07 -21.95
CA PRO B 67 3.90 26.91 -22.80
C PRO B 67 3.42 25.43 -22.89
N PRO B 68 2.14 25.22 -23.16
CA PRO B 68 1.69 23.87 -23.38
C PRO B 68 2.26 23.30 -24.69
N ALA B 69 2.29 21.99 -24.80
CA ALA B 69 2.83 21.33 -25.99
C ALA B 69 1.98 21.67 -27.21
N SER B 70 2.64 22.09 -28.30
CA SER B 70 1.95 22.33 -29.59
C SER B 70 1.48 21.01 -30.21
N ASP B 71 0.61 21.12 -31.20
CA ASP B 71 0.24 20.01 -32.06
C ASP B 71 1.48 19.41 -32.74
N GLU B 72 2.37 20.24 -33.25
CA GLU B 72 3.60 19.76 -33.84
C GLU B 72 4.29 18.75 -32.92
N ASP B 73 4.53 19.16 -31.66
CA ASP B 73 5.25 18.35 -30.69
C ASP B 73 4.52 17.05 -30.38
N LEU B 74 3.24 17.15 -30.09
CA LEU B 74 2.41 15.98 -29.80
C LEU B 74 2.31 14.97 -30.96
N LEU B 75 2.26 15.48 -32.18
CA LEU B 75 2.10 14.65 -33.38
C LEU B 75 3.32 13.78 -33.70
N ARG B 76 4.51 14.17 -33.20
CA ARG B 76 5.68 13.33 -33.29
C ARG B 76 5.45 11.96 -32.66
N VAL B 77 4.55 11.88 -31.68
CA VAL B 77 4.17 10.64 -31.04
C VAL B 77 2.74 10.19 -31.36
N HIS B 78 1.76 11.05 -31.15
CA HIS B 78 0.34 10.68 -31.28
C HIS B 78 -0.27 11.08 -32.60
N PRO B 79 -1.27 10.32 -33.07
CA PRO B 79 -1.96 10.69 -34.30
C PRO B 79 -3.04 11.74 -34.06
N ALA B 80 -3.33 12.52 -35.10
CA ALA B 80 -4.32 13.60 -35.03
C ALA B 80 -5.67 13.10 -34.53
N HIS B 81 -6.11 11.92 -35.00
CA HIS B 81 -7.43 11.37 -34.59
C HIS B 81 -7.50 11.06 -33.10
N TYR B 82 -6.35 10.78 -32.49
CA TYR B 82 -6.25 10.60 -31.04
C TYR B 82 -6.41 11.95 -30.31
N LEU B 83 -5.71 12.97 -30.79
CA LEU B 83 -5.87 14.33 -30.26
C LEU B 83 -7.32 14.79 -30.34
N GLU B 84 -7.94 14.57 -31.51
CA GLU B 84 -9.34 14.96 -31.75
C GLU B 84 -10.30 14.22 -30.84
N ARG B 85 -10.10 12.91 -30.68
CA ARG B 85 -10.92 12.10 -29.78
C ARG B 85 -10.77 12.57 -28.30
N PHE B 86 -9.53 12.77 -27.87
CA PHE B 86 -9.21 13.29 -26.53
C PHE B 86 -9.95 14.62 -26.32
N LYS B 87 -9.72 15.55 -27.22
CA LYS B 87 -10.32 16.87 -27.13
C LYS B 87 -11.84 16.86 -27.09
N ALA B 88 -12.48 16.08 -27.95
CA ALA B 88 -13.95 16.04 -28.00
C ALA B 88 -14.50 15.52 -26.69
N LEU B 89 -13.90 14.45 -26.18
CA LEU B 89 -14.35 13.89 -24.90
C LEU B 89 -14.15 14.88 -23.75
N SER B 90 -13.05 15.63 -23.81
CA SER B 90 -12.73 16.68 -22.83
C SER B 90 -13.68 17.88 -22.90
N ASP B 91 -14.08 18.27 -24.12
CA ASP B 91 -15.09 19.33 -24.32
C ASP B 91 -16.53 18.93 -23.98
N ALA B 92 -16.81 17.63 -23.94
CA ALA B 92 -18.11 17.11 -23.54
C ALA B 92 -18.14 16.68 -22.09
N GLY B 93 -17.29 17.26 -21.24
CA GLY B 93 -17.33 17.00 -19.80
C GLY B 93 -16.47 15.86 -19.28
N GLY B 94 -15.82 15.11 -20.17
CA GLY B 94 -14.95 14.00 -19.77
C GLY B 94 -15.58 12.62 -19.90
N GLY B 95 -14.99 11.65 -19.21
CA GLY B 95 -15.38 10.26 -19.31
C GLY B 95 -14.16 9.35 -19.39
N SER B 96 -14.29 8.25 -20.14
CA SER B 96 -13.27 7.21 -20.20
C SER B 96 -12.60 7.20 -21.57
N LEU B 97 -11.33 7.57 -21.59
CA LEU B 97 -10.53 7.61 -22.80
C LEU B 97 -9.84 6.26 -23.04
N GLY B 98 -9.79 5.43 -22.01
CA GLY B 98 -9.36 4.05 -22.17
C GLY B 98 -9.58 3.20 -20.93
N GLN B 99 -8.87 2.06 -20.91
CA GLN B 99 -8.74 1.20 -19.73
C GLN B 99 -7.88 1.97 -18.71
N ASP B 100 -8.47 2.25 -17.55
CA ASP B 100 -7.80 2.99 -16.48
C ASP B 100 -7.31 4.37 -16.96
N ALA B 101 -8.09 5.03 -17.82
CA ALA B 101 -7.71 6.32 -18.37
C ALA B 101 -8.90 7.28 -18.38
N PRO B 102 -9.38 7.66 -17.18
CA PRO B 102 -10.48 8.61 -17.08
C PRO B 102 -10.01 10.07 -17.13
N ILE B 103 -10.78 10.91 -17.84
CA ILE B 103 -10.48 12.35 -17.92
C ILE B 103 -11.67 13.21 -17.52
N GLY B 104 -11.39 14.44 -17.10
CA GLY B 104 -12.39 15.41 -16.70
C GLY B 104 -12.50 16.51 -17.73
N PRO B 105 -13.43 17.47 -17.50
CA PRO B 105 -13.55 18.60 -18.42
C PRO B 105 -12.28 19.44 -18.40
N GLY B 106 -11.86 19.88 -19.57
CA GLY B 106 -10.59 20.61 -19.70
C GLY B 106 -9.31 19.80 -19.55
N SER B 107 -9.39 18.48 -19.35
CA SER B 107 -8.21 17.62 -19.18
C SER B 107 -7.27 17.61 -20.38
N TYR B 108 -7.79 17.83 -21.59
CA TYR B 108 -6.98 17.87 -22.81
C TYR B 108 -5.94 18.98 -22.72
N GLU B 109 -6.41 20.19 -22.41
CA GLU B 109 -5.56 21.37 -22.25
C GLU B 109 -4.52 21.18 -21.15
N ILE B 110 -4.93 20.55 -20.06
CA ILE B 110 -4.06 20.38 -18.91
C ILE B 110 -3.01 19.29 -19.20
N ALA B 111 -3.43 18.20 -19.85
CA ALA B 111 -2.48 17.19 -20.35
C ALA B 111 -1.43 17.78 -21.29
N ARG B 112 -1.85 18.72 -22.16
CA ARG B 112 -0.91 19.44 -23.00
C ARG B 112 0.07 20.27 -22.21
N LEU B 113 -0.40 20.87 -21.13
CA LEU B 113 0.46 21.67 -20.28
C LEU B 113 1.52 20.79 -19.59
N SER B 114 1.06 19.66 -19.01
CA SER B 114 1.94 18.65 -18.43
C SER B 114 3.05 18.24 -19.40
N ALA B 115 2.67 17.96 -20.63
CA ALA B 115 3.64 17.56 -21.66
C ALA B 115 4.64 18.68 -22.02
N GLY B 116 4.14 19.91 -22.10
CA GLY B 116 5.00 21.09 -22.28
C GLY B 116 6.02 21.33 -21.18
N LEU B 117 5.68 21.00 -19.94
CA LEU B 117 6.64 21.13 -18.86
C LEU B 117 7.80 20.19 -19.04
N ALA B 118 7.51 18.95 -19.44
CA ALA B 118 8.52 17.93 -19.76
C ALA B 118 9.39 18.38 -20.94
N ILE B 119 8.75 18.84 -22.01
CA ILE B 119 9.47 19.39 -23.17
C ILE B 119 10.43 20.51 -22.74
N ALA B 120 9.91 21.44 -21.94
CA ALA B 120 10.67 22.62 -21.51
C ALA B 120 11.81 22.28 -20.57
N ALA B 121 11.61 21.27 -19.73
CA ALA B 121 12.64 20.86 -18.78
C ALA B 121 13.87 20.28 -19.50
N LEU B 122 13.62 19.41 -20.48
CA LEU B 122 14.70 18.90 -21.33
C LEU B 122 15.39 19.99 -22.11
N ASP B 123 14.60 20.90 -22.68
CA ASP B 123 15.13 22.06 -23.42
C ASP B 123 16.04 22.94 -22.56
N ALA B 124 15.61 23.25 -21.34
CA ALA B 124 16.38 24.10 -20.44
C ALA B 124 17.73 23.51 -20.10
N VAL B 125 17.74 22.22 -19.81
CA VAL B 125 18.95 21.51 -19.44
C VAL B 125 19.87 21.36 -20.66
N LEU B 126 19.32 21.02 -21.80
CA LEU B 126 20.12 20.93 -23.03
C LEU B 126 20.69 22.28 -23.48
N ALA B 127 19.96 23.37 -23.21
CA ALA B 127 20.40 24.71 -23.59
C ALA B 127 21.38 25.33 -22.59
N GLY B 128 21.69 24.65 -21.49
CA GLY B 128 22.59 25.20 -20.48
C GLY B 128 21.97 26.24 -19.55
N GLU B 129 20.64 26.38 -19.57
CA GLU B 129 19.92 27.26 -18.61
C GLU B 129 19.93 26.73 -17.15
N ALA B 130 20.17 25.44 -16.98
CA ALA B 130 20.27 24.86 -15.65
C ALA B 130 21.09 23.59 -15.71
N ASP B 131 21.64 23.18 -14.57
CA ASP B 131 22.46 21.97 -14.52
C ASP B 131 21.53 20.77 -14.61
N ASN B 132 20.41 20.84 -13.91
CA ASN B 132 19.42 19.78 -13.93
C ASN B 132 18.03 20.36 -13.71
N ALA B 133 17.01 19.52 -13.78
CA ALA B 133 15.64 19.98 -13.65
C ALA B 133 14.68 18.92 -13.10
N TYR B 134 13.62 19.41 -12.50
CA TYR B 134 12.54 18.60 -12.01
C TYR B 134 11.27 19.15 -12.64
N SER B 135 10.47 18.28 -13.23
CA SER B 135 9.20 18.67 -13.84
C SER B 135 8.07 18.00 -13.08
N LEU B 136 7.23 18.80 -12.42
CA LEU B 136 6.06 18.30 -11.71
C LEU B 136 4.90 18.19 -12.72
N SER B 137 5.03 17.20 -13.59
CA SER B 137 4.14 16.99 -14.73
C SER B 137 2.97 16.11 -14.29
N ARG B 138 1.82 16.74 -14.03
CA ARG B 138 0.56 16.03 -13.85
C ARG B 138 -0.41 16.50 -14.95
N PRO B 139 -1.08 15.59 -15.66
CA PRO B 139 -1.06 14.15 -15.45
C PRO B 139 0.21 13.45 -15.95
N PRO B 140 0.45 12.22 -15.46
CA PRO B 140 1.66 11.49 -15.82
C PRO B 140 1.66 10.94 -17.26
N GLY B 141 2.77 10.32 -17.64
CA GLY B 141 3.01 9.95 -19.05
C GLY B 141 3.45 8.53 -19.42
N HIS B 142 4.13 7.85 -18.53
CA HIS B 142 4.94 6.69 -18.90
C HIS B 142 4.21 5.42 -19.33
N HIS B 143 2.90 5.34 -19.10
CA HIS B 143 2.08 4.25 -19.61
C HIS B 143 1.42 4.50 -20.94
N CYS B 144 1.44 5.73 -21.43
CA CYS B 144 0.66 6.11 -22.58
C CYS B 144 1.32 5.62 -23.88
N LEU B 145 0.55 4.89 -24.68
CA LEU B 145 0.96 4.51 -26.02
C LEU B 145 0.56 5.60 -27.01
N PRO B 146 1.16 5.59 -28.22
CA PRO B 146 0.81 6.59 -29.24
C PRO B 146 -0.69 6.75 -29.53
N ASP B 147 -1.43 5.65 -29.51
CA ASP B 147 -2.86 5.65 -29.85
C ASP B 147 -3.68 4.92 -28.80
N GLN B 148 -3.23 4.93 -27.55
CA GLN B 148 -3.97 4.28 -26.51
C GLN B 148 -3.55 4.88 -25.16
N ALA B 149 -4.51 5.56 -24.52
CA ALA B 149 -4.33 6.05 -23.15
C ALA B 149 -4.38 4.87 -22.19
N MET B 150 -3.48 4.84 -21.22
CA MET B 150 -3.44 3.77 -20.21
C MET B 150 -2.95 4.35 -18.91
N GLY B 151 -3.29 3.69 -17.81
CA GLY B 151 -2.67 3.96 -16.52
C GLY B 151 -2.59 5.43 -16.14
N PHE B 152 -3.71 6.13 -16.39
CA PHE B 152 -3.90 7.55 -16.07
C PHE B 152 -2.98 8.49 -16.82
N CYS B 153 -2.35 8.00 -17.88
CA CYS B 153 -1.47 8.78 -18.71
C CYS B 153 -2.23 8.97 -20.00
N PHE B 154 -2.19 10.21 -20.53
CA PHE B 154 -2.91 10.58 -21.75
C PHE B 154 -2.03 11.07 -22.88
N PHE B 155 -0.85 11.60 -22.55
CA PHE B 155 0.23 11.81 -23.52
C PHE B 155 1.48 11.12 -22.98
N ALA B 156 2.35 10.70 -23.89
CA ALA B 156 3.64 10.09 -23.57
C ALA B 156 4.63 11.21 -23.31
N ASN B 157 4.54 11.79 -22.11
CA ASN B 157 5.21 13.06 -21.83
C ASN B 157 6.69 12.99 -22.18
N ILE B 158 7.36 11.96 -21.66
CA ILE B 158 8.82 11.86 -21.82
C ILE B 158 9.21 11.61 -23.28
N ALA B 159 8.49 10.70 -23.96
CA ALA B 159 8.69 10.47 -25.39
C ALA B 159 8.44 11.71 -26.25
N VAL B 160 7.39 12.46 -25.95
CA VAL B 160 7.14 13.73 -26.61
C VAL B 160 8.30 14.69 -26.32
N ALA B 161 8.77 14.76 -25.09
CA ALA B 161 9.89 15.66 -24.76
C ALA B 161 11.18 15.30 -25.50
N ILE B 162 11.48 14.00 -25.57
CA ILE B 162 12.68 13.51 -26.24
C ILE B 162 12.64 13.79 -27.74
N GLU B 163 11.52 13.48 -28.37
CA GLU B 163 11.38 13.73 -29.81
C GLU B 163 11.50 15.21 -30.15
N ALA B 164 10.99 16.08 -29.28
CA ALA B 164 11.17 17.54 -29.42
C ALA B 164 12.62 17.93 -29.19
N ALA B 165 13.26 17.36 -28.18
CA ALA B 165 14.68 17.61 -27.93
C ALA B 165 15.58 17.19 -29.10
N LYS B 166 15.27 16.06 -29.73
CA LYS B 166 16.03 15.64 -30.88
C LYS B 166 15.87 16.61 -32.05
N ALA B 167 14.65 17.08 -32.28
CA ALA B 167 14.40 18.06 -33.34
C ALA B 167 15.09 19.39 -33.07
N ARG B 168 15.05 19.90 -31.83
CA ARG B 168 15.67 21.22 -31.55
C ARG B 168 17.18 21.14 -31.39
N HIS B 169 17.69 20.17 -30.62
CA HIS B 169 19.14 20.10 -30.27
C HIS B 169 19.96 18.98 -30.92
N GLY B 170 19.31 18.01 -31.56
CA GLY B 170 20.03 16.89 -32.14
C GLY B 170 20.83 16.04 -31.17
N VAL B 171 20.31 15.85 -29.96
CA VAL B 171 20.90 14.93 -29.00
C VAL B 171 20.78 13.49 -29.55
N GLU B 172 21.86 12.72 -29.40
CA GLU B 172 21.96 11.39 -30.05
C GLU B 172 21.77 10.18 -29.14
N ARG B 173 21.94 10.36 -27.84
CA ARG B 173 21.84 9.28 -26.87
C ARG B 173 21.20 9.77 -25.60
N VAL B 174 19.98 9.32 -25.32
CA VAL B 174 19.26 9.69 -24.09
C VAL B 174 18.95 8.38 -23.38
N ALA B 175 19.17 8.36 -22.07
CA ALA B 175 18.77 7.23 -21.25
C ALA B 175 17.56 7.61 -20.41
N VAL B 176 16.56 6.75 -20.38
CA VAL B 176 15.39 6.98 -19.56
C VAL B 176 15.39 5.94 -18.46
N LEU B 177 15.60 6.36 -17.21
CA LEU B 177 15.54 5.43 -16.08
C LEU B 177 14.19 5.60 -15.45
N ASP B 178 13.39 4.56 -15.38
CA ASP B 178 12.03 4.66 -14.89
C ASP B 178 11.89 3.89 -13.58
N TRP B 179 11.90 4.67 -12.48
CA TRP B 179 11.78 4.09 -11.13
C TRP B 179 10.41 4.22 -10.48
N ASP B 180 9.42 4.74 -11.20
CA ASP B 180 8.02 4.50 -10.86
C ASP B 180 7.90 2.99 -10.66
N VAL B 181 7.15 2.57 -9.66
CA VAL B 181 7.04 1.16 -9.27
C VAL B 181 6.37 0.29 -10.35
N HIS B 182 5.64 0.91 -11.26
CA HIS B 182 5.02 0.21 -12.37
C HIS B 182 5.88 0.27 -13.62
N HIS B 183 5.59 -0.66 -14.53
CA HIS B 183 6.35 -0.82 -15.73
C HIS B 183 6.11 0.33 -16.72
N GLY B 184 7.20 0.96 -17.19
CA GLY B 184 7.15 2.04 -18.17
C GLY B 184 6.93 1.52 -19.58
N ASN B 185 5.74 0.97 -19.82
CA ASN B 185 5.42 0.29 -21.07
C ASN B 185 5.32 1.23 -22.27
N GLY B 186 4.97 2.48 -22.02
CA GLY B 186 4.84 3.46 -23.10
C GLY B 186 6.20 3.79 -23.68
N THR B 187 7.12 4.17 -22.81
CA THR B 187 8.49 4.43 -23.21
C THR B 187 9.13 3.18 -23.84
N GLN B 188 8.88 2.00 -23.24
CA GLN B 188 9.42 0.76 -23.79
C GLN B 188 8.96 0.57 -25.22
N ALA B 189 7.65 0.64 -25.47
CA ALA B 189 7.12 0.32 -26.79
C ALA B 189 7.59 1.30 -27.85
N ILE B 190 7.62 2.60 -27.52
CA ILE B 190 7.98 3.66 -28.47
C ILE B 190 9.43 3.52 -28.96
N TYR B 191 10.33 3.24 -28.02
CA TYR B 191 11.77 3.20 -28.28
C TYR B 191 12.30 1.77 -28.46
N TYR B 192 11.40 0.80 -28.64
CA TYR B 192 11.74 -0.62 -28.52
C TYR B 192 12.75 -1.10 -29.56
N ARG B 193 12.67 -0.57 -30.77
CA ARG B 193 13.58 -0.92 -31.84
C ARG B 193 14.64 0.16 -32.08
N ARG B 194 14.83 1.02 -31.09
CA ARG B 194 15.80 2.10 -31.15
C ARG B 194 16.94 2.00 -30.13
N ASP B 195 18.12 2.40 -30.64
CA ASP B 195 19.36 2.47 -29.88
C ASP B 195 19.82 3.88 -29.54
N ASP B 196 19.11 4.91 -30.01
CA ASP B 196 19.35 6.29 -29.53
C ASP B 196 18.69 6.57 -28.16
N VAL B 197 17.83 5.67 -27.70
CA VAL B 197 17.20 5.77 -26.38
C VAL B 197 17.31 4.45 -25.62
N LEU B 198 18.02 4.47 -24.50
CA LEU B 198 18.11 3.35 -23.60
C LEU B 198 16.98 3.56 -22.60
N SER B 199 16.04 2.62 -22.55
CA SER B 199 14.95 2.65 -21.61
C SER B 199 15.16 1.55 -20.58
N ILE B 200 15.17 1.92 -19.31
CA ILE B 200 15.36 0.98 -18.21
C ILE B 200 14.17 1.14 -17.26
N SER B 201 13.52 0.02 -16.93
CA SER B 201 12.45 0.06 -15.95
C SER B 201 12.73 -0.83 -14.78
N LEU B 202 12.79 -0.22 -13.62
CA LEU B 202 12.69 -0.90 -12.35
C LEU B 202 11.23 -0.91 -12.00
N HIS B 203 10.70 -2.08 -11.72
CA HIS B 203 9.30 -2.17 -11.31
C HIS B 203 9.06 -3.42 -10.50
N GLN B 204 7.97 -3.38 -9.75
CA GLN B 204 7.50 -4.56 -9.05
C GLN B 204 7.01 -5.56 -10.08
N ASP B 205 7.55 -6.77 -10.00
CA ASP B 205 7.16 -7.89 -10.86
C ASP B 205 5.64 -8.07 -10.86
N GLY B 206 5.05 -7.89 -12.04
CA GLY B 206 3.65 -8.21 -12.28
C GLY B 206 2.63 -7.22 -11.73
N CYS B 207 3.06 -6.02 -11.31
CA CYS B 207 2.16 -5.07 -10.68
C CYS B 207 1.29 -4.37 -11.71
N PHE B 208 1.87 -3.49 -12.53
CA PHE B 208 1.16 -2.87 -13.64
C PHE B 208 2.10 -2.59 -14.85
N PRO B 209 1.77 -3.09 -16.05
CA PRO B 209 0.56 -3.89 -16.30
C PRO B 209 0.55 -5.21 -15.54
N PRO B 210 -0.63 -5.67 -15.13
CA PRO B 210 -0.70 -6.85 -14.27
C PRO B 210 -0.22 -8.11 -14.94
N GLY B 211 0.64 -8.84 -14.26
CA GLY B 211 1.18 -10.09 -14.78
C GLY B 211 2.41 -9.94 -15.65
N TYR B 212 2.85 -8.72 -15.93
CA TYR B 212 4.04 -8.48 -16.78
C TYR B 212 5.34 -8.34 -15.96
N SER B 213 6.37 -9.12 -16.31
CA SER B 213 7.70 -9.05 -15.68
C SER B 213 8.63 -8.38 -16.67
N GLY B 214 8.85 -9.02 -17.81
CA GLY B 214 9.53 -8.43 -18.95
C GLY B 214 11.04 -8.50 -19.04
N ALA B 215 11.69 -9.36 -18.26
CA ALA B 215 13.16 -9.45 -18.27
C ALA B 215 13.75 -9.86 -19.63
N GLU B 216 13.07 -10.82 -20.28
CA GLU B 216 13.44 -11.27 -21.63
C GLU B 216 13.12 -10.25 -22.77
N ASP B 217 12.34 -9.21 -22.49
CA ASP B 217 12.04 -8.15 -23.46
C ASP B 217 13.12 -7.05 -23.40
N ILE B 218 14.15 -7.23 -24.24
CA ILE B 218 15.35 -6.40 -24.18
C ILE B 218 15.49 -5.49 -25.38
N GLY B 219 14.43 -5.40 -26.19
CA GLY B 219 14.46 -4.66 -27.43
C GLY B 219 14.67 -5.61 -28.58
N GLU B 220 14.47 -5.12 -29.79
CA GLU B 220 14.59 -5.92 -30.99
C GLU B 220 15.29 -5.17 -32.09
N ASP B 221 15.89 -5.95 -32.99
CA ASP B 221 16.78 -5.49 -34.06
C ASP B 221 17.71 -4.35 -33.68
N ARG B 222 17.55 -3.16 -34.24
CA ARG B 222 18.43 -2.05 -33.95
C ARG B 222 18.43 -1.70 -32.46
N GLY B 223 17.30 -1.92 -31.78
CA GLY B 223 17.16 -1.69 -30.37
C GLY B 223 17.47 -2.84 -29.46
N ARG B 224 17.97 -3.95 -29.98
CA ARG B 224 18.29 -5.10 -29.11
C ARG B 224 19.40 -4.73 -28.12
N GLY B 225 19.13 -4.96 -26.85
CA GLY B 225 19.99 -4.53 -25.77
C GLY B 225 19.79 -3.10 -25.28
N PHE B 226 18.85 -2.36 -25.86
CA PHE B 226 18.64 -0.95 -25.47
C PHE B 226 17.29 -0.71 -24.73
N ASN B 227 16.78 -1.81 -24.17
CA ASN B 227 15.65 -1.79 -23.24
C ASN B 227 15.94 -2.81 -22.18
N LEU B 228 15.80 -2.43 -20.90
CA LEU B 228 16.06 -3.33 -19.79
C LEU B 228 15.02 -3.24 -18.68
N ASN B 229 14.40 -4.38 -18.39
CA ASN B 229 13.40 -4.51 -17.33
C ASN B 229 13.97 -5.26 -16.15
N VAL B 230 13.78 -4.70 -14.97
CA VAL B 230 14.20 -5.29 -13.72
C VAL B 230 12.96 -5.56 -12.87
N PRO B 231 12.37 -6.75 -12.99
CA PRO B 231 11.15 -7.02 -12.23
C PRO B 231 11.48 -7.46 -10.81
N LEU B 232 11.43 -6.53 -9.89
CA LEU B 232 11.76 -6.80 -8.49
C LEU B 232 10.62 -7.51 -7.77
N LEU B 233 10.96 -8.43 -6.87
CA LEU B 233 9.93 -9.16 -6.15
C LEU B 233 9.11 -8.20 -5.28
N PRO B 234 7.77 -8.34 -5.28
CA PRO B 234 6.95 -7.57 -4.33
C PRO B 234 7.45 -7.76 -2.91
N GLY B 235 7.39 -6.71 -2.11
CA GLY B 235 7.89 -6.75 -0.76
C GLY B 235 9.28 -6.18 -0.57
N GLY B 236 10.01 -6.01 -1.67
CA GLY B 236 11.34 -5.46 -1.62
C GLY B 236 11.40 -3.97 -1.25
N GLY B 237 12.54 -3.57 -0.73
CA GLY B 237 12.75 -2.19 -0.36
C GLY B 237 14.14 -1.73 -0.71
N HIS B 238 14.77 -1.06 0.25
CA HIS B 238 15.95 -0.26 0.02
C HIS B 238 17.06 -1.05 -0.67
N ASP B 239 17.47 -2.17 -0.07
CA ASP B 239 18.57 -2.99 -0.59
C ASP B 239 18.27 -3.52 -1.99
N ALA B 240 17.05 -3.98 -2.22
CA ALA B 240 16.65 -4.45 -3.55
C ALA B 240 16.91 -3.39 -4.62
N TYR B 241 16.51 -2.16 -4.34
CA TYR B 241 16.72 -1.05 -5.25
C TYR B 241 18.18 -0.67 -5.40
N MET B 242 18.94 -0.70 -4.30
CA MET B 242 20.37 -0.38 -4.34
C MET B 242 21.12 -1.39 -5.19
N GLN B 243 20.81 -2.67 -5.00
CA GLN B 243 21.44 -3.74 -5.77
C GLN B 243 21.07 -3.64 -7.26
N ALA B 244 19.81 -3.39 -7.56
CA ALA B 244 19.40 -3.15 -8.95
C ALA B 244 20.17 -2.02 -9.61
N MET B 245 20.40 -0.94 -8.86
CA MET B 245 21.14 0.21 -9.37
C MET B 245 22.61 -0.12 -9.67
N GLN B 246 23.24 -0.78 -8.71
CA GLN B 246 24.67 -1.10 -8.81
C GLN B 246 25.02 -2.21 -9.80
N ARG B 247 24.17 -3.21 -9.96
CA ARG B 247 24.46 -4.36 -10.83
C ARG B 247 23.88 -4.27 -12.25
N ILE B 248 22.80 -3.51 -12.42
CA ILE B 248 22.13 -3.37 -13.73
C ILE B 248 22.19 -1.95 -14.29
N VAL B 249 21.77 -0.97 -13.50
CA VAL B 249 21.53 0.36 -14.03
C VAL B 249 22.86 1.06 -14.32
N LEU B 250 23.71 1.16 -13.32
CA LEU B 250 24.96 1.89 -13.52
C LEU B 250 25.82 1.23 -14.61
N PRO B 251 25.95 -0.11 -14.61
CA PRO B 251 26.68 -0.72 -15.73
C PRO B 251 26.04 -0.49 -17.12
N ALA B 252 24.72 -0.48 -17.18
CA ALA B 252 24.03 -0.22 -18.45
C ALA B 252 24.27 1.21 -18.99
N LEU B 253 24.22 2.18 -18.08
CA LEU B 253 24.51 3.60 -18.41
C LEU B 253 25.96 3.79 -18.80
N GLU B 254 26.83 3.09 -18.09
CA GLU B 254 28.25 3.06 -18.42
C GLU B 254 28.50 2.58 -19.87
N ARG B 255 27.83 1.52 -20.26
CA ARG B 255 27.93 1.00 -21.63
C ARG B 255 27.32 1.97 -22.68
N PHE B 256 26.21 2.61 -22.32
CA PHE B 256 25.45 3.40 -23.26
C PHE B 256 26.01 4.84 -23.45
N ARG B 257 26.72 5.37 -22.45
CA ARG B 257 27.30 6.73 -22.49
C ARG B 257 26.24 7.78 -22.87
N PRO B 258 25.25 7.99 -22.00
CA PRO B 258 24.20 8.94 -22.31
C PRO B 258 24.72 10.38 -22.36
N GLN B 259 24.14 11.17 -23.27
CA GLN B 259 24.36 12.60 -23.35
C GLN B 259 23.31 13.37 -22.56
N LEU B 260 22.27 12.67 -22.15
CA LEU B 260 21.20 13.21 -21.35
C LEU B 260 20.59 12.04 -20.59
N ILE B 261 20.34 12.22 -19.29
CA ILE B 261 19.55 11.26 -18.52
C ILE B 261 18.23 11.86 -18.11
N VAL B 262 17.15 11.17 -18.45
CA VAL B 262 15.81 11.51 -18.02
C VAL B 262 15.34 10.41 -17.06
N VAL B 263 14.79 10.81 -15.91
CA VAL B 263 14.22 9.88 -14.93
C VAL B 263 12.70 10.02 -14.92
N ALA B 264 12.01 8.90 -15.16
CA ALA B 264 10.57 8.81 -14.94
C ALA B 264 10.42 8.44 -13.46
N SER B 265 10.24 9.45 -12.63
CA SER B 265 10.26 9.33 -11.18
C SER B 265 8.86 9.31 -10.58
N GLY B 266 8.30 8.11 -10.46
CA GLY B 266 7.16 7.89 -9.60
C GLY B 266 7.71 7.59 -8.21
N PHE B 267 6.89 7.84 -7.20
CA PHE B 267 7.23 7.55 -5.81
C PHE B 267 6.31 6.49 -5.21
N ASP B 268 5.68 5.72 -6.08
CA ASP B 268 4.75 4.69 -5.66
C ASP B 268 5.44 3.40 -5.22
N ALA B 269 6.77 3.36 -5.25
CA ALA B 269 7.54 2.33 -4.54
C ALA B 269 7.71 2.63 -3.04
N ASN B 270 7.26 3.79 -2.57
CA ASN B 270 7.32 4.09 -1.18
C ASN B 270 6.51 3.08 -0.33
N ALA B 271 6.98 2.91 0.91
CA ALA B 271 6.52 1.87 1.82
C ALA B 271 5.05 1.93 2.21
N VAL B 272 4.39 3.07 2.06
CA VAL B 272 2.97 3.17 2.37
C VAL B 272 2.05 3.43 1.16
N ASP B 273 2.53 3.14 -0.05
CA ASP B 273 1.69 3.37 -1.22
C ASP B 273 0.63 2.27 -1.36
N PRO B 274 -0.63 2.65 -1.60
CA PRO B 274 -1.61 1.61 -1.86
C PRO B 274 -1.46 0.92 -3.22
N LEU B 275 -0.82 1.56 -4.19
CA LEU B 275 -0.82 1.04 -5.56
C LEU B 275 0.34 0.11 -5.91
N ALA B 276 1.17 -0.22 -4.91
CA ALA B 276 2.16 -1.28 -5.03
C ALA B 276 2.57 -1.77 -3.62
N ARG B 277 3.53 -2.69 -3.56
CA ARG B 277 3.91 -3.45 -2.37
C ARG B 277 5.40 -3.36 -2.03
N MET B 278 6.10 -2.31 -2.46
CA MET B 278 7.53 -2.15 -2.18
C MET B 278 7.72 -1.26 -0.94
N GLN B 279 8.96 -1.20 -0.44
CA GLN B 279 9.24 -0.65 0.89
C GLN B 279 10.30 0.47 0.90
N LEU B 280 10.25 1.37 -0.06
CA LEU B 280 11.21 2.46 -0.12
C LEU B 280 10.86 3.57 0.86
N HIS B 281 11.90 4.21 1.39
CA HIS B 281 11.80 5.43 2.21
C HIS B 281 12.46 6.58 1.44
N SER B 282 12.37 7.80 1.99
CA SER B 282 12.86 8.99 1.28
C SER B 282 14.37 8.94 0.95
N ASP B 283 15.18 8.40 1.87
CA ASP B 283 16.61 8.18 1.59
C ASP B 283 16.89 7.19 0.44
N SER B 284 15.98 6.28 0.14
CA SER B 284 16.13 5.37 -0.98
C SER B 284 16.08 6.17 -2.28
N PHE B 285 15.09 7.07 -2.41
CA PHE B 285 14.99 7.95 -3.56
C PHE B 285 16.14 8.97 -3.61
N ARG B 286 16.59 9.42 -2.45
CA ARG B 286 17.77 10.26 -2.38
C ARG B 286 18.98 9.54 -2.98
N ALA B 287 19.20 8.30 -2.56
CA ALA B 287 20.37 7.54 -3.04
C ALA B 287 20.32 7.23 -4.54
N MET B 288 19.16 6.86 -5.05
CA MET B 288 18.97 6.64 -6.49
C MET B 288 19.24 7.90 -7.32
N THR B 289 18.76 9.03 -6.82
CA THR B 289 19.04 10.32 -7.45
C THR B 289 20.52 10.64 -7.44
N ALA B 290 21.18 10.40 -6.30
CA ALA B 290 22.65 10.62 -6.20
C ALA B 290 23.42 9.77 -7.21
N MET B 291 23.00 8.53 -7.38
CA MET B 291 23.66 7.60 -8.31
C MET B 291 23.45 8.07 -9.74
N VAL B 292 22.23 8.46 -10.05
CA VAL B 292 21.89 8.89 -11.40
C VAL B 292 22.53 10.25 -11.72
N ARG B 293 22.59 11.14 -10.73
CA ARG B 293 23.26 12.44 -10.91
C ARG B 293 24.73 12.28 -11.17
N ASP B 294 25.38 11.43 -10.39
CA ASP B 294 26.73 11.02 -10.63
C ASP B 294 26.96 10.49 -12.07
N ALA B 295 26.14 9.54 -12.52
CA ALA B 295 26.19 9.03 -13.90
C ALA B 295 26.07 10.18 -14.92
N ALA B 296 25.12 11.10 -14.67
CA ALA B 296 24.98 12.30 -15.53
C ALA B 296 26.23 13.19 -15.54
N GLU B 297 26.86 13.38 -14.38
CA GLU B 297 28.08 14.19 -14.33
C GLU B 297 29.22 13.55 -15.08
N ARG B 298 29.29 12.22 -15.10
CA ARG B 298 30.38 11.55 -15.83
C ARG B 298 30.18 11.41 -17.33
N HIS B 299 28.97 11.21 -17.81
CA HIS B 299 28.73 11.03 -19.25
C HIS B 299 28.10 12.20 -19.95
N ALA B 300 27.22 12.92 -19.26
CA ALA B 300 26.23 13.81 -19.88
C ALA B 300 26.46 15.28 -19.54
N GLY B 301 27.64 15.64 -19.06
CA GLY B 301 27.91 17.02 -18.61
C GLY B 301 27.03 17.48 -17.47
N GLY B 302 26.52 16.54 -16.68
CA GLY B 302 25.56 16.82 -15.59
C GLY B 302 24.08 16.91 -16.00
N ARG B 303 23.77 16.65 -17.28
CA ARG B 303 22.43 16.87 -17.79
C ARG B 303 21.45 15.77 -17.35
N LEU B 304 20.65 16.13 -16.34
CA LEU B 304 19.70 15.25 -15.72
C LEU B 304 18.33 15.94 -15.58
N VAL B 305 17.28 15.26 -16.01
CA VAL B 305 15.90 15.73 -15.83
C VAL B 305 15.06 14.66 -15.15
N VAL B 306 14.38 15.02 -14.08
CA VAL B 306 13.51 14.13 -13.34
C VAL B 306 12.07 14.58 -13.61
N VAL B 307 11.26 13.69 -14.18
CA VAL B 307 9.88 13.99 -14.50
C VAL B 307 8.99 13.20 -13.55
N HIS B 308 8.14 13.91 -12.80
CA HIS B 308 7.24 13.30 -11.81
C HIS B 308 6.25 12.40 -12.51
N GLU B 309 6.11 11.16 -12.06
CA GLU B 309 5.15 10.22 -12.68
C GLU B 309 4.12 9.87 -11.61
N GLY B 310 4.15 8.64 -11.07
CA GLY B 310 3.15 8.20 -10.10
C GLY B 310 3.55 8.50 -8.67
N GLY B 311 2.84 7.86 -7.74
CA GLY B 311 2.92 8.15 -6.30
C GLY B 311 1.55 8.55 -5.79
N PHE B 312 0.91 7.69 -5.03
CA PHE B 312 -0.44 7.92 -4.56
C PHE B 312 -0.53 8.39 -3.09
N SER B 313 0.40 7.97 -2.24
CA SER B 313 0.36 8.34 -0.82
C SER B 313 0.48 9.86 -0.53
N GLU B 314 -0.63 10.46 -0.11
CA GLU B 314 -0.67 11.87 0.29
C GLU B 314 0.30 12.22 1.40
N ALA B 315 0.37 11.37 2.40
CA ALA B 315 1.24 11.59 3.54
C ALA B 315 2.71 11.52 3.22
N TYR B 316 3.13 10.56 2.39
CA TYR B 316 4.56 10.23 2.26
C TYR B 316 5.23 10.64 0.94
N VAL B 317 4.49 10.76 -0.17
CA VAL B 317 5.10 11.23 -1.41
C VAL B 317 5.87 12.57 -1.22
N PRO B 318 5.32 13.52 -0.46
CA PRO B 318 6.05 14.80 -0.36
C PRO B 318 7.48 14.66 0.17
N PHE B 319 7.67 13.77 1.13
CA PHE B 319 8.98 13.53 1.71
C PHE B 319 9.93 12.84 0.75
N CYS B 320 9.41 11.89 -0.03
CA CYS B 320 10.20 11.22 -1.07
C CYS B 320 10.60 12.21 -2.19
N GLY B 321 9.66 13.02 -2.66
CA GLY B 321 9.95 14.00 -3.72
C GLY B 321 10.87 15.11 -3.25
N LEU B 322 10.67 15.55 -2.02
CA LEU B 322 11.60 16.50 -1.39
C LEU B 322 13.03 15.97 -1.40
N ALA B 323 13.20 14.69 -1.05
CA ALA B 323 14.54 14.09 -0.99
C ALA B 323 15.27 14.17 -2.35
N VAL B 324 14.53 13.93 -3.41
CA VAL B 324 15.08 13.93 -4.77
C VAL B 324 15.60 15.30 -5.16
N ILE B 325 14.77 16.31 -4.87
CA ILE B 325 15.04 17.69 -5.22
C ILE B 325 16.18 18.27 -4.38
N GLU B 326 16.28 17.86 -3.12
CA GLU B 326 17.44 18.23 -2.30
C GLU B 326 18.71 17.71 -2.97
N GLU B 327 18.65 16.45 -3.40
CA GLU B 327 19.78 15.79 -4.03
C GLU B 327 20.13 16.37 -5.39
N LEU B 328 19.15 16.78 -6.18
CA LEU B 328 19.40 17.51 -7.43
C LEU B 328 20.02 18.90 -7.22
N SER B 329 19.53 19.63 -6.23
CA SER B 329 20.00 21.00 -5.97
C SER B 329 21.26 21.11 -5.11
N GLY B 330 21.60 20.05 -4.37
CA GLY B 330 22.73 20.07 -3.44
C GLY B 330 22.40 20.85 -2.16
N VAL B 331 21.12 21.03 -1.89
CA VAL B 331 20.63 21.82 -0.76
C VAL B 331 19.86 20.90 0.17
N ARG B 332 20.29 20.83 1.43
CA ARG B 332 19.66 19.98 2.41
C ARG B 332 18.83 20.86 3.34
N SER B 333 17.52 20.67 3.37
CA SER B 333 16.63 21.47 4.22
C SER B 333 16.61 20.90 5.64
N ALA B 334 15.87 21.57 6.52
CA ALA B 334 15.63 21.10 7.89
C ALA B 334 14.58 19.99 8.02
N VAL B 335 13.92 19.62 6.92
CA VAL B 335 12.89 18.59 6.94
C VAL B 335 13.49 17.25 7.39
N ARG B 336 12.81 16.59 8.33
CA ARG B 336 13.18 15.26 8.78
C ARG B 336 12.03 14.29 8.55
N ASP B 337 12.30 13.27 7.76
CA ASP B 337 11.32 12.28 7.37
C ASP B 337 10.86 11.52 8.63
N PRO B 338 9.58 11.71 9.03
CA PRO B 338 9.13 11.12 10.29
C PRO B 338 8.80 9.60 10.21
N LEU B 339 8.77 9.01 9.01
CA LEU B 339 8.60 7.56 8.80
C LEU B 339 9.90 6.78 8.58
N ARG B 340 11.01 7.49 8.39
CA ARG B 340 12.32 6.91 8.04
C ARG B 340 12.76 5.74 8.93
N ASP B 341 12.90 5.98 10.22
CA ASP B 341 13.36 4.95 11.17
C ASP B 341 12.43 3.76 11.20
N PHE B 342 11.15 4.05 11.15
CA PHE B 342 10.12 3.06 11.15
C PHE B 342 10.20 2.14 9.91
N ILE B 343 10.30 2.73 8.73
CA ILE B 343 10.44 1.96 7.50
C ILE B 343 11.74 1.09 7.49
N GLU B 344 12.82 1.59 8.09
CA GLU B 344 14.05 0.82 8.28
C GLU B 344 13.79 -0.54 8.93
N LEU B 345 12.99 -0.54 9.99
CA LEU B 345 12.72 -1.72 10.77
C LEU B 345 11.82 -2.71 10.07
N GLN B 346 11.10 -2.27 9.04
CA GLN B 346 10.20 -3.16 8.28
C GLN B 346 10.83 -3.83 7.07
N GLN B 347 12.08 -3.50 6.77
CA GLN B 347 12.77 -3.99 5.58
C GLN B 347 12.83 -5.55 5.56
N PRO B 348 12.95 -6.15 4.37
CA PRO B 348 13.18 -7.59 4.26
C PRO B 348 14.34 -8.08 5.13
N ASN B 349 14.17 -9.26 5.72
CA ASN B 349 15.24 -9.88 6.52
C ASN B 349 16.39 -10.35 5.62
N ALA B 350 17.48 -10.76 6.23
CA ALA B 350 18.67 -11.17 5.51
C ALA B 350 18.39 -12.22 4.44
N ALA B 351 17.58 -13.23 4.75
CA ALA B 351 17.34 -14.36 3.85
C ALA B 351 16.63 -13.91 2.56
N PHE B 352 15.62 -13.07 2.76
CA PHE B 352 14.90 -12.45 1.65
C PHE B 352 15.81 -11.52 0.83
N ARG B 353 16.61 -10.69 1.50
CA ARG B 353 17.59 -9.82 0.80
C ARG B 353 18.55 -10.62 -0.07
N ASP B 354 19.10 -11.69 0.49
CA ASP B 354 20.01 -12.57 -0.23
C ASP B 354 19.31 -13.21 -1.44
N PHE B 355 18.08 -13.68 -1.27
CA PHE B 355 17.30 -14.27 -2.35
C PHE B 355 17.05 -13.30 -3.51
N GLN B 356 16.71 -12.05 -3.22
CA GLN B 356 16.55 -11.01 -4.25
C GLN B 356 17.89 -10.61 -4.87
N ARG B 357 18.97 -10.63 -4.09
CA ARG B 357 20.29 -10.27 -4.56
C ARG B 357 20.77 -11.27 -5.58
N GLN B 358 20.58 -12.56 -5.29
CA GLN B 358 20.97 -13.63 -6.21
C GLN B 358 20.25 -13.57 -7.54
N ARG B 359 18.97 -13.22 -7.52
CA ARG B 359 18.19 -13.04 -8.74
C ARG B 359 18.69 -11.88 -9.58
N LEU B 360 19.08 -10.78 -8.92
CA LEU B 360 19.67 -9.62 -9.62
C LEU B 360 21.04 -9.90 -10.23
N GLU B 361 21.86 -10.71 -9.55
CA GLU B 361 23.13 -11.18 -10.09
C GLU B 361 22.92 -12.01 -11.35
N GLU B 362 21.96 -12.93 -11.29
CA GLU B 362 21.63 -13.77 -12.44
C GLU B 362 21.09 -12.96 -13.59
N LEU B 363 20.29 -11.95 -13.27
CA LEU B 363 19.70 -11.08 -14.28
C LEU B 363 20.77 -10.23 -14.98
N ALA B 364 21.64 -9.58 -14.19
CA ALA B 364 22.80 -8.86 -14.73
C ALA B 364 23.64 -9.72 -15.68
N ALA B 365 23.84 -11.00 -15.33
CA ALA B 365 24.53 -11.97 -16.22
C ALA B 365 23.75 -12.28 -17.52
N GLN B 366 22.46 -12.48 -17.39
CA GLN B 366 21.54 -12.67 -18.54
C GLN B 366 21.62 -11.50 -19.53
N PHE B 367 21.65 -10.28 -18.98
CA PHE B 367 21.83 -9.06 -19.78
C PHE B 367 23.23 -8.86 -20.34
N GLY B 368 24.21 -9.64 -19.88
CA GLY B 368 25.57 -9.50 -20.37
C GLY B 368 26.22 -8.23 -19.87
N LEU B 369 25.91 -7.86 -18.61
CA LEU B 369 26.47 -6.68 -17.97
C LEU B 369 27.67 -7.07 -17.18
N CYS B 370 28.80 -6.45 -17.52
CA CYS B 370 30.05 -6.68 -16.82
C CYS B 370 30.07 -5.82 -15.58
N PRO B 371 30.39 -6.40 -14.40
CA PRO B 371 30.40 -5.65 -13.14
C PRO B 371 31.63 -4.72 -13.03
N ALA B 372 31.66 -3.69 -13.87
CA ALA B 372 32.68 -2.69 -13.80
C ALA B 372 32.23 -1.63 -12.78
N GLN B 373 33.20 -0.79 -12.47
CA GLN B 373 33.11 0.24 -11.48
C GLN B 373 32.90 1.51 -12.30
N PRO B 374 32.03 2.42 -11.85
CA PRO B 374 31.95 3.79 -12.43
C PRO B 374 33.28 4.58 -12.56
N LEU B 375 33.51 5.17 -13.74
CA LEU B 375 34.70 5.99 -14.00
C LEU B 375 34.47 7.13 -15.02
N GLN B 376 35.48 8.00 -15.10
CA GLN B 376 35.60 9.05 -16.12
C GLN B 376 37.07 9.13 -16.54
O1 7H1 C . -3.69 -2.46 11.46
C 7H1 C . -3.49 -2.03 12.58
N 7H1 C . -3.96 -2.77 13.56
O 7H1 C . -4.41 -4.02 13.19
C1 7H1 C . -2.72 -0.75 12.89
F 7H1 C . -2.50 -0.70 14.19
F1 7H1 C . -3.53 0.25 12.49
C2 7H1 C . -1.34 -0.59 12.20
F2 7H1 C . -0.73 -1.55 12.80
F3 7H1 C . -1.76 -0.72 10.99
C3 7H1 C . -0.96 0.81 12.54
F4 7H1 C . -1.30 1.18 13.76
F5 7H1 C . -1.47 1.57 11.59
C4 7H1 C . 0.52 0.99 12.44
F6 7H1 C . 1.00 0.45 11.33
F7 7H1 C . 0.95 0.42 13.53
C5 7H1 C . 0.90 2.46 12.56
F8 7H1 C . 0.69 2.83 13.81
F9 7H1 C . 0.17 3.15 11.71
C6 7H1 C . 2.32 2.77 12.19
F10 7H1 C . 2.50 2.42 10.92
F11 7H1 C . 3.01 2.06 13.07
C7 7H1 C . 2.63 4.23 12.37
O2 7H1 C . 1.70 4.96 12.58
N1 7H1 C . 3.91 4.65 12.35
C8 7H1 C . 4.35 5.91 12.66
C9 7H1 C . 5.74 6.09 12.73
C10 7H1 C . 6.30 7.33 13.06
C11 7H1 C . 5.46 8.41 13.33
C12 7H1 C . 4.08 8.25 13.28
C13 7H1 C . 3.52 7.02 12.93
ZN ZN D . -3.61 -4.45 11.39
K K E . -2.00 -11.05 12.90
K K F . -1.43 -18.78 24.87
O1 7H1 G . 1.33 4.74 -10.70
C 7H1 G . 0.72 4.69 -11.76
N 7H1 G . 1.38 4.81 -12.88
O 7H1 G . 2.73 4.75 -12.81
C1 7H1 G . -0.78 4.37 -11.87
F 7H1 G . -1.21 4.74 -13.08
F1 7H1 G . -1.43 5.14 -10.99
C2 7H1 G . -1.01 2.83 -11.73
F2 7H1 G . -0.27 2.49 -12.72
F3 7H1 G . -0.59 2.70 -10.51
C3 7H1 G . -2.49 2.63 -11.92
F4 7H1 G . -2.84 3.38 -10.94
F5 7H1 G . -2.50 2.92 -13.20
C4 7H1 G . -2.68 1.21 -11.60
F6 7H1 G . -2.39 0.88 -10.35
F7 7H1 G . -1.98 0.51 -12.43
C5 7H1 G . -4.16 1.07 -11.89
F8 7H1 G . -4.35 1.20 -13.21
F9 7H1 G . -4.82 2.02 -11.29
C6 7H1 G . -4.74 -0.23 -11.39
F10 7H1 G . -4.52 -0.36 -10.07
F11 7H1 G . -4.01 -1.08 -12.08
C7 7H1 G . -6.23 -0.30 -11.72
O2 7H1 G . -6.71 0.66 -12.30
N1 7H1 G . -6.93 -1.41 -11.39
C8 7H1 G . -8.21 -1.66 -11.78
C9 7H1 G . -9.11 -0.71 -12.32
C10 7H1 G . -10.38 -1.07 -12.75
C11 7H1 G . -10.80 -2.39 -12.68
C12 7H1 G . -9.93 -3.34 -12.15
C13 7H1 G . -8.65 -2.99 -11.73
ZN ZN H . 3.19 4.05 -10.99
K K I . 15.33 1.38 -26.70
K K J . 9.32 1.62 -13.76
#